data_8IGQ
#
_entry.id   8IGQ
#
_cell.length_a   1.00
_cell.length_b   1.00
_cell.length_c   1.00
_cell.angle_alpha   90.00
_cell.angle_beta   90.00
_cell.angle_gamma   90.00
#
_symmetry.space_group_name_H-M   'P 1'
#
loop_
_entity.id
_entity.type
_entity.pdbx_description
1 polymer 'Probable endopeptidase MT2245'
2 polymer 'Cell division ATP-binding protein FtsE'
3 polymer 'Cell division protein FtsX'
4 non-polymer "ADENOSINE-5'-DIPHOSPHATE"
#
loop_
_entity_poly.entity_id
_entity_poly.type
_entity_poly.pdbx_seq_one_letter_code
_entity_poly.pdbx_strand_id
1 'polypeptide(L)'
;MRLDQRWLIARVIMRSAIGFFASFTVSSGVLAANVLADPADDALAKLNELSRQAEQTTEALHSAQLDLNEKLAAQRAADQ
KLADNRTALDAARARLATFQTAVNKVAAATYMGGRTHGMDAILTAESPQLLIDRLSVQRVMAHQMSTQMARFKAAGEQAV
KAEQAAAKSAADARSAAEQAAAVRANLQHKQSQLQVQIAVVKSQYVALTPEERTALADPGPVPAVAAIAPGAPPAALPPG
APPGDGPAPGVAPPPGGMPGLPFVQPDGAGGDRTAVVQAALTQVGAPYAWGGAAPGGFDCSGLVMWAFQQAGIALPHSSQ
ALAHGGQPVALSDLQPGDVLTFYSDASHAGIYIGDGLMVHSSTYGVPVRVVPMDSSGPIYDARRY
;
E
2 'polypeptide(L)'
;MMITLDHVTKQYKSSARPALDDINVKIDKGEFVFLIGPSGSGKSTFMRLLLAAETPTSGDVRVSKFHVNKLRGRHVPKLR
QVIGCVFQDFRLLQQKTVYDNVAFALEVIGKRTDAINRVVPEVLETVGLSGKANRLPDELSGGEQQRVAIARAFVNRPLV
LLADEPTGNLDPETSRDIMDLLERINRTGTTVLMATHDHHIVDSMRQRVVELSLGRLVRDEQRGVYGMDR
;
A,B
3 'polypeptide(L)'
;MRFGFLLNEVLTGFRRNVTMTIAMILTTAISVGLFGGGMLVVRLADSSRAIYLDRVESQVFLTEDVSANDSSCDTTACKA
LREKIETRSDVKAVRFLNRQQAYDDAIRKFPQFKDVAGKDSFPASFIVKLENPEQHKDFDTAMKGQPGVLDVLNQKELID
RLFAVLDGLSNAAFAVALVQAIGAILLIANMVQVAAYTRRTEIGIMRLVGASRWYTQLPFLVEAMLAATMGVGIAVAGLM
VVRALFLENALNQFYQANLIAKVDYADILFITPWLLLLGVAMSGLTAYLTLRLYVRR
;
D,C
#
loop_
_chem_comp.id
_chem_comp.type
_chem_comp.name
_chem_comp.formula
ADP non-polymer ADENOSINE-5'-DIPHOSPHATE 'C10 H15 N5 O10 P2'
#
# COMPACT_ATOMS: atom_id res chain seq x y z
N SER A 63 36.70 48.36 -96.94
CA SER A 63 35.37 47.90 -96.59
C SER A 63 35.43 46.59 -95.81
N ALA A 64 35.44 45.47 -96.55
CA ALA A 64 35.53 44.16 -95.91
C ALA A 64 36.90 43.92 -95.30
N GLN A 65 37.95 44.49 -95.91
CA GLN A 65 39.25 44.54 -95.24
C GLN A 65 39.21 45.45 -94.02
N LEU A 66 38.46 46.54 -94.09
CA LEU A 66 38.34 47.48 -92.99
C LEU A 66 37.47 46.98 -91.85
N ASP A 67 36.73 45.90 -92.05
CA ASP A 67 35.89 45.33 -90.98
C ASP A 67 36.65 44.27 -90.19
N LEU A 68 37.86 44.62 -89.75
CA LEU A 68 38.66 43.72 -88.92
C LEU A 68 38.90 44.30 -87.53
N ASN A 69 39.51 45.48 -87.44
CA ASN A 69 40.10 45.98 -86.19
C ASN A 69 39.06 46.40 -85.15
N GLU A 70 37.78 46.46 -85.51
CA GLU A 70 36.74 46.78 -84.54
C GLU A 70 36.43 45.63 -83.58
N LYS A 71 36.94 44.42 -83.85
CA LYS A 71 36.68 43.28 -82.99
C LYS A 71 37.91 42.52 -82.54
N LEU A 72 39.13 42.89 -82.96
CA LEU A 72 40.31 42.30 -82.36
C LEU A 72 40.45 42.67 -80.89
N ALA A 73 39.99 43.86 -80.50
CA ALA A 73 39.98 44.23 -79.08
C ALA A 73 39.06 43.34 -78.27
N ALA A 74 37.87 43.05 -78.81
CA ALA A 74 36.94 42.15 -78.13
C ALA A 74 37.45 40.71 -78.13
N GLN A 75 38.12 40.29 -79.20
CA GLN A 75 38.69 38.94 -79.24
C GLN A 75 39.83 38.79 -78.24
N ARG A 76 40.69 39.81 -78.12
CA ARG A 76 41.77 39.77 -77.14
C ARG A 76 41.23 39.85 -75.72
N ALA A 77 40.13 40.60 -75.53
CA ALA A 77 39.47 40.64 -74.22
C ALA A 77 38.88 39.28 -73.85
N ALA A 78 38.28 38.59 -74.82
CA ALA A 78 37.75 37.25 -74.57
C ALA A 78 38.87 36.26 -74.29
N ASP A 79 39.99 36.36 -75.02
CA ASP A 79 41.13 35.47 -74.79
C ASP A 79 41.75 35.71 -73.42
N GLN A 80 41.88 36.97 -73.00
CA GLN A 80 42.42 37.24 -71.67
C GLN A 80 41.44 36.87 -70.57
N LYS A 81 40.14 36.99 -70.83
CA LYS A 81 39.14 36.56 -69.86
C LYS A 81 39.11 35.04 -69.72
N LEU A 82 39.45 34.32 -70.79
CA LEU A 82 39.67 32.89 -70.66
C LEU A 82 40.97 32.60 -69.91
N ALA A 83 42.02 33.37 -70.19
CA ALA A 83 43.35 33.06 -69.67
C ALA A 83 43.46 33.33 -68.17
N ASP A 84 42.91 34.43 -67.68
CA ASP A 84 43.01 34.69 -66.24
C ASP A 84 42.08 33.81 -65.44
N ASN A 85 40.93 33.43 -66.00
CA ASN A 85 40.04 32.47 -65.36
C ASN A 85 40.61 31.06 -65.37
N ARG A 86 41.49 30.74 -66.33
CA ARG A 86 42.25 29.50 -66.24
C ARG A 86 43.24 29.54 -65.09
N THR A 87 43.74 30.72 -64.76
CA THR A 87 44.61 30.92 -63.61
C THR A 87 43.84 31.35 -62.35
N ALA A 88 42.52 31.36 -62.42
CA ALA A 88 41.68 31.62 -61.25
C ALA A 88 40.86 30.42 -60.82
N LEU A 89 40.69 29.43 -61.69
CA LEU A 89 39.96 28.21 -61.34
C LEU A 89 40.78 27.30 -60.41
N ASP A 90 42.10 27.48 -60.36
CA ASP A 90 42.94 26.66 -59.50
C ASP A 90 42.77 26.97 -58.02
N ALA A 91 42.21 28.14 -57.69
CA ALA A 91 42.04 28.53 -56.29
C ALA A 91 41.05 27.64 -55.56
N ALA A 92 39.97 27.23 -56.23
CA ALA A 92 38.97 26.38 -55.58
C ALA A 92 39.51 24.98 -55.32
N ARG A 93 40.25 24.41 -56.28
CA ARG A 93 40.82 23.08 -56.05
C ARG A 93 41.96 23.13 -55.06
N ALA A 94 42.71 24.23 -55.01
CA ALA A 94 43.70 24.40 -53.95
C ALA A 94 43.05 24.55 -52.57
N ARG A 95 41.90 25.22 -52.51
CA ARG A 95 41.18 25.37 -51.24
C ARG A 95 40.65 24.03 -50.75
N LEU A 96 40.08 23.21 -51.64
CA LEU A 96 39.64 21.88 -51.21
C LEU A 96 40.82 20.97 -50.92
N ALA A 97 41.96 21.21 -51.59
CA ALA A 97 43.19 20.46 -51.28
C ALA A 97 43.77 20.87 -49.94
N THR A 98 43.42 22.06 -49.44
CA THR A 98 43.74 22.39 -48.06
C THR A 98 42.71 21.82 -47.09
N PHE A 99 41.44 21.76 -47.47
CA PHE A 99 40.39 21.39 -46.53
C PHE A 99 40.20 19.89 -46.34
N GLN A 100 40.45 19.06 -47.36
CA GLN A 100 39.95 17.68 -47.30
C GLN A 100 40.75 16.79 -46.36
N THR A 101 41.96 17.20 -45.98
CA THR A 101 42.78 16.40 -45.08
C THR A 101 42.28 16.46 -43.64
N ALA A 102 41.53 17.50 -43.28
CA ALA A 102 41.01 17.63 -41.93
C ALA A 102 39.67 16.94 -41.74
N VAL A 103 39.07 16.43 -42.82
CA VAL A 103 37.76 15.79 -42.78
C VAL A 103 37.81 14.33 -43.20
N ASN A 104 39.00 13.82 -43.55
CA ASN A 104 39.14 12.46 -44.04
C ASN A 104 39.38 11.42 -42.95
N LYS A 105 40.23 11.71 -41.98
CA LYS A 105 40.52 10.77 -40.90
C LYS A 105 40.18 11.37 -39.54
N VAL A 106 39.15 12.22 -39.50
CA VAL A 106 38.64 12.72 -38.23
C VAL A 106 37.97 11.60 -37.43
N ALA A 107 37.51 10.53 -38.09
CA ALA A 107 37.08 9.33 -37.40
C ALA A 107 38.24 8.64 -36.68
N ALA A 108 39.46 8.78 -37.18
CA ALA A 108 40.63 8.35 -36.44
C ALA A 108 41.09 9.40 -35.43
N ALA A 109 40.66 10.66 -35.59
CA ALA A 109 40.98 11.68 -34.61
C ALA A 109 40.12 11.54 -33.35
N THR A 110 38.88 11.08 -33.50
CA THR A 110 38.03 10.78 -32.36
C THR A 110 38.24 9.36 -31.84
N TYR A 111 39.22 8.64 -32.37
CA TYR A 111 39.56 7.28 -31.96
C TYR A 111 40.56 7.40 -30.79
N MET A 112 41.24 6.30 -30.45
CA MET A 112 42.14 6.16 -29.29
C MET A 112 41.39 6.37 -27.97
N GLY A 113 40.10 6.05 -27.96
CA GLY A 113 39.28 6.24 -26.77
C GLY A 113 39.08 7.70 -26.41
N GLY A 114 38.32 8.43 -27.25
CA GLY A 114 38.15 9.86 -27.04
C GLY A 114 37.38 10.19 -25.78
N ARG A 115 36.28 9.47 -25.53
CA ARG A 115 35.52 9.38 -24.27
C ARG A 115 34.91 10.69 -23.78
N THR A 116 35.06 11.78 -24.53
CA THR A 116 34.52 13.08 -24.16
C THR A 116 33.50 13.50 -25.21
N HIS A 117 32.28 13.84 -24.76
CA HIS A 117 31.19 14.14 -25.67
C HIS A 117 30.31 15.31 -25.25
N GLY A 118 30.59 15.97 -24.12
CA GLY A 118 29.91 17.18 -23.75
C GLY A 118 28.69 17.03 -22.87
N MET A 119 28.49 15.86 -22.26
CA MET A 119 27.35 15.66 -21.37
C MET A 119 27.81 15.45 -19.92
N ASP A 120 28.69 14.48 -19.68
CA ASP A 120 29.07 14.11 -18.32
C ASP A 120 30.42 14.67 -17.89
N ALA A 121 31.50 14.34 -18.62
CA ALA A 121 32.89 14.69 -18.27
C ALA A 121 33.22 14.28 -16.84
N ILE A 122 32.80 13.08 -16.44
CA ILE A 122 32.86 12.66 -15.04
C ILE A 122 33.54 11.31 -14.86
N LEU A 123 33.86 10.57 -15.92
CA LEU A 123 34.42 9.23 -15.79
C LEU A 123 35.86 9.24 -15.28
N THR A 124 36.56 10.36 -15.40
CA THR A 124 37.85 10.56 -14.76
C THR A 124 37.82 11.86 -13.97
N ALA A 125 38.52 11.88 -12.84
CA ALA A 125 38.47 13.03 -11.94
C ALA A 125 39.74 13.07 -11.10
N GLU A 126 40.38 14.23 -11.06
CA GLU A 126 41.52 14.43 -10.17
C GLU A 126 41.32 15.72 -9.36
N SER A 127 40.66 16.69 -9.97
CA SER A 127 40.43 17.99 -9.34
C SER A 127 39.13 18.56 -9.89
N PRO A 128 38.34 19.25 -9.05
CA PRO A 128 37.09 19.83 -9.55
C PRO A 128 37.29 20.99 -10.50
N GLN A 129 38.40 21.72 -10.38
CA GLN A 129 38.67 22.82 -11.30
C GLN A 129 39.06 22.33 -12.68
N LEU A 130 39.73 21.18 -12.75
CA LEU A 130 40.28 20.68 -14.02
C LEU A 130 39.24 19.96 -14.87
N LEU A 131 38.04 19.73 -14.36
CA LEU A 131 36.97 19.12 -15.14
C LEU A 131 35.97 20.13 -15.67
N ILE A 132 36.15 21.42 -15.37
CA ILE A 132 35.25 22.45 -15.87
C ILE A 132 35.46 22.65 -17.37
N ASP A 133 36.71 22.77 -17.80
CA ASP A 133 37.04 22.92 -19.20
C ASP A 133 36.91 21.61 -19.98
N ARG A 134 36.71 20.48 -19.29
CA ARG A 134 36.42 19.23 -19.99
C ARG A 134 35.02 19.25 -20.61
N LEU A 135 34.14 20.12 -20.12
CA LEU A 135 32.81 20.29 -20.70
C LEU A 135 32.61 21.66 -21.33
N SER A 136 33.19 22.71 -20.75
CA SER A 136 33.02 24.08 -21.24
C SER A 136 33.69 24.28 -22.59
N VAL A 137 34.73 23.52 -22.89
CA VAL A 137 35.33 23.57 -24.21
C VAL A 137 34.70 22.52 -25.13
N GLN A 138 34.23 21.41 -24.57
CA GLN A 138 33.68 20.32 -25.38
C GLN A 138 32.31 20.68 -25.94
N ARG A 139 31.54 21.55 -25.27
CA ARG A 139 30.28 21.97 -25.86
C ARG A 139 30.52 22.94 -27.03
N VAL A 140 31.58 23.75 -26.95
CA VAL A 140 31.98 24.56 -28.09
C VAL A 140 32.51 23.67 -29.21
N MET A 141 33.16 22.55 -28.85
CA MET A 141 33.53 21.54 -29.83
C MET A 141 32.31 20.91 -30.50
N ALA A 142 31.24 20.70 -29.73
CA ALA A 142 29.99 20.22 -30.31
C ALA A 142 29.39 21.24 -31.27
N HIS A 143 29.45 22.52 -30.90
CA HIS A 143 29.03 23.59 -31.81
C HIS A 143 29.88 23.63 -33.08
N GLN A 144 31.19 23.43 -32.94
CA GLN A 144 32.08 23.46 -34.08
C GLN A 144 31.93 22.25 -34.98
N MET A 145 31.65 21.06 -34.43
CA MET A 145 31.36 19.94 -35.30
C MET A 145 29.96 20.00 -35.88
N SER A 146 29.06 20.78 -35.28
CA SER A 146 27.79 21.07 -35.95
C SER A 146 28.00 22.01 -37.13
N THR A 147 28.87 23.01 -36.98
CA THR A 147 29.18 23.93 -38.07
C THR A 147 30.21 23.38 -39.06
N GLN A 148 30.85 22.27 -38.73
CA GLN A 148 31.87 21.67 -39.60
C GLN A 148 31.26 21.14 -40.89
N MET A 149 30.07 20.57 -40.83
CA MET A 149 29.38 20.13 -42.04
C MET A 149 29.01 21.30 -42.94
N ALA A 150 28.59 22.43 -42.34
CA ALA A 150 28.31 23.63 -43.12
C ALA A 150 29.58 24.20 -43.75
N ARG A 151 30.69 24.20 -43.01
CA ARG A 151 31.95 24.68 -43.56
C ARG A 151 32.49 23.75 -44.64
N PHE A 152 32.20 22.45 -44.54
CA PHE A 152 32.60 21.52 -45.59
C PHE A 152 31.74 21.69 -46.84
N LYS A 153 30.43 21.90 -46.67
CA LYS A 153 29.55 22.09 -47.82
C LYS A 153 29.74 23.45 -48.47
N ALA A 154 30.21 24.46 -47.72
CA ALA A 154 30.51 25.75 -48.32
C ALA A 154 31.71 25.69 -49.25
N ALA A 155 32.58 24.69 -49.09
CA ALA A 155 33.63 24.44 -50.05
C ALA A 155 33.23 23.41 -51.09
N GLY A 156 32.31 22.50 -50.74
CA GLY A 156 31.85 21.52 -51.70
C GLY A 156 30.93 22.10 -52.75
N GLU A 157 30.25 23.22 -52.44
CA GLU A 157 29.42 23.87 -53.44
C GLU A 157 30.24 24.56 -54.52
N GLN A 158 31.50 24.90 -54.24
CA GLN A 158 32.36 25.49 -55.25
C GLN A 158 32.77 24.48 -56.32
N ALA A 159 32.75 23.18 -55.99
CA ALA A 159 32.96 22.14 -56.98
C ALA A 159 31.68 21.78 -57.73
N VAL A 160 30.55 22.35 -57.34
CA VAL A 160 29.28 22.15 -58.02
C VAL A 160 28.81 23.41 -58.72
N LYS A 161 29.01 24.57 -58.10
CA LYS A 161 28.60 25.85 -58.65
C LYS A 161 29.83 26.67 -59.03
N ALA A 162 29.72 27.39 -60.17
CA ALA A 162 30.69 28.37 -60.64
C ALA A 162 32.05 27.75 -60.94
N GLU A 163 32.04 26.56 -61.55
CA GLU A 163 33.23 25.98 -62.15
C GLU A 163 33.03 25.55 -63.59
N GLN A 164 31.78 25.49 -64.07
CA GLN A 164 31.48 25.24 -65.47
C GLN A 164 31.49 26.52 -66.30
N ALA A 165 31.71 27.67 -65.65
CA ALA A 165 31.79 28.95 -66.37
C ALA A 165 33.01 29.01 -67.28
N ALA A 166 34.11 28.36 -66.90
CA ALA A 166 35.29 28.30 -67.76
C ALA A 166 35.01 27.48 -69.02
N ALA A 167 34.32 26.36 -68.88
CA ALA A 167 33.95 25.55 -70.04
C ALA A 167 32.93 26.27 -70.91
N LYS A 168 32.00 27.00 -70.29
CA LYS A 168 31.04 27.79 -71.04
C LYS A 168 31.73 28.92 -71.80
N SER A 169 32.73 29.55 -71.19
CA SER A 169 33.51 30.59 -71.87
C SER A 169 34.36 30.02 -73.00
N ALA A 170 34.89 28.80 -72.82
CA ALA A 170 35.63 28.16 -73.91
C ALA A 170 34.72 27.81 -75.07
N ALA A 171 33.51 27.32 -74.78
CA ALA A 171 32.55 27.04 -75.84
C ALA A 171 32.08 28.31 -76.53
N ASP A 172 31.91 29.40 -75.77
CA ASP A 172 31.56 30.69 -76.37
C ASP A 172 32.69 31.26 -77.21
N ALA A 173 33.94 31.03 -76.80
CA ALA A 173 35.08 31.46 -77.59
C ALA A 173 35.18 30.67 -78.89
N ARG A 174 34.89 29.37 -78.84
CA ARG A 174 34.87 28.57 -80.07
C ARG A 174 33.72 28.99 -80.98
N SER A 175 32.57 29.33 -80.39
CA SER A 175 31.45 29.84 -81.17
C SER A 175 31.77 31.18 -81.82
N ALA A 176 32.47 32.06 -81.10
CA ALA A 176 32.92 33.33 -81.68
C ALA A 176 33.97 33.10 -82.77
N ALA A 177 34.82 32.08 -82.61
CA ALA A 177 35.81 31.76 -83.63
C ALA A 177 35.15 31.26 -84.92
N GLU A 178 34.16 30.37 -84.80
CA GLU A 178 33.50 29.90 -86.02
C GLU A 178 32.59 30.98 -86.61
N GLN A 179 32.04 31.88 -85.78
CA GLN A 179 31.30 33.02 -86.30
C GLN A 179 32.21 33.97 -87.07
N ALA A 180 33.40 34.23 -86.55
CA ALA A 180 34.36 35.08 -87.25
C ALA A 180 34.88 34.42 -88.52
N ALA A 181 35.00 33.09 -88.52
CA ALA A 181 35.32 32.38 -89.77
C ALA A 181 34.17 32.42 -90.76
N ALA A 182 32.93 32.48 -90.28
CA ALA A 182 31.78 32.52 -91.18
C ALA A 182 31.60 33.90 -91.82
N VAL A 183 31.75 34.97 -91.05
CA VAL A 183 31.50 36.31 -91.58
C VAL A 183 32.62 36.74 -92.52
N ARG A 184 33.85 36.28 -92.31
CA ARG A 184 35.02 36.75 -93.05
C ARG A 184 35.06 36.32 -94.51
N ALA A 185 34.04 35.62 -95.02
CA ALA A 185 33.97 35.29 -96.43
C ALA A 185 33.66 36.50 -97.31
N ASN A 186 33.21 37.62 -96.73
CA ASN A 186 33.01 38.83 -97.50
C ASN A 186 34.33 39.42 -97.98
N LEU A 187 35.38 39.30 -97.17
CA LEU A 187 36.70 39.75 -97.59
C LEU A 187 37.43 38.66 -98.36
N GLN A 188 37.47 37.45 -97.81
CA GLN A 188 38.13 36.33 -98.47
C GLN A 188 37.15 35.57 -99.36
N MET B 1 -35.99 18.76 41.58
CA MET B 1 -37.03 17.96 40.95
C MET B 1 -36.50 16.57 40.61
N MET B 2 -37.25 15.54 40.98
CA MET B 2 -36.83 14.18 40.72
C MET B 2 -37.22 13.76 39.30
N ILE B 3 -37.08 12.46 39.03
CA ILE B 3 -37.12 11.96 37.66
C ILE B 3 -38.53 11.99 37.12
N THR B 4 -38.72 12.66 35.98
CA THR B 4 -40.00 12.73 35.29
C THR B 4 -39.76 12.72 33.79
N LEU B 5 -40.46 11.85 33.08
CA LEU B 5 -40.35 11.77 31.63
C LEU B 5 -41.75 11.82 31.01
N ASP B 6 -41.86 12.50 29.87
CA ASP B 6 -43.14 12.66 29.19
C ASP B 6 -42.91 13.04 27.73
N HIS B 7 -43.88 12.68 26.89
CA HIS B 7 -44.01 13.12 25.50
C HIS B 7 -42.83 12.70 24.62
N VAL B 8 -42.21 11.57 24.93
CA VAL B 8 -41.03 11.11 24.19
C VAL B 8 -41.46 10.58 22.82
N THR B 9 -40.66 10.89 21.80
CA THR B 9 -40.97 10.44 20.45
C THR B 9 -39.67 10.29 19.67
N LYS B 10 -39.39 9.07 19.22
CA LYS B 10 -38.20 8.81 18.41
C LYS B 10 -38.59 7.81 17.32
N GLN B 11 -38.95 8.33 16.16
CA GLN B 11 -39.30 7.50 15.01
C GLN B 11 -38.07 7.34 14.11
N TYR B 12 -37.78 6.10 13.75
CA TYR B 12 -36.59 5.77 12.97
C TYR B 12 -37.03 5.17 11.64
N LYS B 13 -36.47 5.71 10.55
CA LYS B 13 -36.70 5.21 9.17
C LYS B 13 -38.16 5.18 8.79
N SER B 14 -38.92 6.20 9.24
CA SER B 14 -40.37 6.33 9.11
C SER B 14 -41.08 5.09 9.68
N SER B 15 -40.86 4.87 10.98
CA SER B 15 -41.47 3.76 11.68
C SER B 15 -42.93 4.06 11.96
N ALA B 16 -43.81 3.09 11.65
CA ALA B 16 -45.23 3.26 11.94
C ALA B 16 -45.50 3.15 13.43
N ARG B 17 -44.80 2.25 14.12
CA ARG B 17 -44.97 2.04 15.55
C ARG B 17 -43.61 2.15 16.23
N PRO B 18 -43.15 3.36 16.54
CA PRO B 18 -41.86 3.52 17.22
C PRO B 18 -41.91 3.29 18.72
N ALA B 19 -43.10 3.03 19.28
CA ALA B 19 -43.35 2.75 20.69
C ALA B 19 -42.91 3.89 21.62
N LEU B 20 -42.86 5.12 21.12
CA LEU B 20 -42.66 6.31 21.93
C LEU B 20 -43.77 7.30 21.62
N ASP B 21 -44.52 7.67 22.65
CA ASP B 21 -45.70 8.52 22.50
C ASP B 21 -45.75 9.48 23.67
N ASP B 22 -46.93 10.06 23.92
CA ASP B 22 -47.11 11.14 24.88
C ASP B 22 -47.44 10.62 26.27
N ILE B 23 -46.87 9.48 26.65
CA ILE B 23 -47.08 8.87 27.95
C ILE B 23 -46.46 9.78 29.01
N ASN B 24 -47.30 10.45 29.80
CA ASN B 24 -46.83 11.34 30.86
C ASN B 24 -46.79 10.56 32.18
N VAL B 25 -45.96 9.53 32.19
CA VAL B 25 -45.85 8.64 33.33
C VAL B 25 -44.87 9.24 34.34
N LYS B 26 -45.14 9.01 35.62
CA LYS B 26 -44.29 9.47 36.71
C LYS B 26 -43.81 8.28 37.52
N ILE B 27 -42.50 8.20 37.71
CA ILE B 27 -41.91 7.13 38.50
C ILE B 27 -41.52 7.68 39.86
N ASP B 28 -41.33 6.78 40.83
CA ASP B 28 -41.02 7.15 42.19
C ASP B 28 -39.98 6.21 42.78
N LYS B 29 -39.31 6.69 43.82
CA LYS B 29 -38.51 5.82 44.65
C LYS B 29 -39.43 5.00 45.56
N GLY B 30 -38.88 3.93 46.12
CA GLY B 30 -39.70 3.06 46.93
C GLY B 30 -40.27 1.91 46.14
N GLU B 31 -41.50 2.06 45.66
CA GLU B 31 -42.11 1.03 44.83
C GLU B 31 -41.37 0.91 43.50
N PHE B 32 -41.03 -0.31 43.13
CA PHE B 32 -40.31 -0.60 41.89
C PHE B 32 -41.32 -1.02 40.83
N VAL B 33 -41.35 -0.28 39.73
CA VAL B 33 -42.34 -0.50 38.68
C VAL B 33 -41.73 -1.39 37.60
N PHE B 34 -42.46 -2.44 37.24
CA PHE B 34 -41.98 -3.44 36.29
C PHE B 34 -42.83 -3.40 35.02
N LEU B 35 -42.16 -3.42 33.88
CA LEU B 35 -42.83 -3.33 32.58
C LEU B 35 -43.08 -4.72 32.03
N ILE B 36 -44.31 -4.95 31.55
CA ILE B 36 -44.73 -6.26 31.07
C ILE B 36 -45.16 -6.16 29.61
N GLY B 37 -44.48 -5.29 28.85
CA GLY B 37 -44.84 -5.03 27.48
C GLY B 37 -44.51 -6.19 26.56
N PRO B 38 -45.04 -6.12 25.33
CA PRO B 38 -44.83 -7.21 24.37
C PRO B 38 -43.38 -7.29 23.89
N SER B 39 -42.98 -8.47 23.46
CA SER B 39 -41.62 -8.72 23.02
C SER B 39 -41.36 -8.07 21.66
N GLY B 40 -40.14 -7.57 21.50
CA GLY B 40 -39.74 -6.96 20.25
C GLY B 40 -40.38 -5.62 19.96
N SER B 41 -40.89 -4.92 20.97
CA SER B 41 -41.65 -3.70 20.73
C SER B 41 -40.97 -2.45 21.27
N GLY B 42 -40.71 -2.37 22.58
CA GLY B 42 -40.20 -1.13 23.12
C GLY B 42 -39.30 -1.19 24.35
N LYS B 43 -38.88 -2.38 24.78
CA LYS B 43 -38.28 -2.49 26.11
C LYS B 43 -36.85 -1.97 26.13
N SER B 44 -36.16 -1.95 25.00
CA SER B 44 -34.80 -1.40 24.97
C SER B 44 -34.79 0.12 24.91
N THR B 45 -35.92 0.76 24.60
CA THR B 45 -35.96 2.21 24.49
C THR B 45 -35.90 2.91 25.84
N PHE B 46 -36.26 2.21 26.92
CA PHE B 46 -36.29 2.83 28.24
C PHE B 46 -34.89 3.17 28.74
N MET B 47 -33.93 2.27 28.52
CA MET B 47 -32.57 2.51 29.00
C MET B 47 -31.89 3.62 28.21
N ARG B 48 -32.01 3.58 26.88
CA ARG B 48 -31.41 4.61 26.05
C ARG B 48 -32.11 5.94 26.19
N LEU B 49 -33.40 5.94 26.57
CA LEU B 49 -34.08 7.19 26.85
C LEU B 49 -33.65 7.76 28.19
N LEU B 50 -33.50 6.91 29.21
CA LEU B 50 -33.15 7.37 30.54
C LEU B 50 -31.65 7.64 30.72
N LEU B 51 -30.80 7.06 29.89
CA LEU B 51 -29.37 7.33 29.93
C LEU B 51 -28.94 8.33 28.86
N ALA B 52 -29.91 8.97 28.20
CA ALA B 52 -29.70 9.96 27.14
C ALA B 52 -28.87 9.41 25.98
N ALA B 53 -29.09 8.14 25.64
CA ALA B 53 -28.40 7.52 24.52
C ALA B 53 -29.20 7.69 23.22
N GLU B 54 -30.50 7.43 23.26
CA GLU B 54 -31.38 7.69 22.14
C GLU B 54 -32.26 8.89 22.52
N THR B 55 -31.86 10.06 22.06
CA THR B 55 -32.59 11.28 22.36
C THR B 55 -33.88 11.32 21.55
N PRO B 56 -35.03 11.54 22.19
CA PRO B 56 -36.28 11.63 21.43
C PRO B 56 -36.35 12.92 20.64
N THR B 57 -37.13 12.88 19.54
CA THR B 57 -37.30 14.05 18.70
C THR B 57 -38.19 15.10 19.37
N SER B 58 -39.01 14.68 20.34
CA SER B 58 -39.89 15.59 21.05
C SER B 58 -40.00 15.15 22.50
N GLY B 59 -40.38 16.09 23.36
CA GLY B 59 -40.61 15.81 24.75
C GLY B 59 -39.40 16.02 25.63
N ASP B 60 -39.50 16.95 26.58
CA ASP B 60 -38.42 17.18 27.52
C ASP B 60 -38.37 16.06 28.54
N VAL B 61 -37.18 15.55 28.80
CA VAL B 61 -36.95 14.45 29.73
C VAL B 61 -36.16 14.98 30.91
N ARG B 62 -36.63 14.70 32.12
CA ARG B 62 -35.99 15.17 33.34
C ARG B 62 -35.55 14.00 34.21
N VAL B 63 -34.41 14.17 34.87
CA VAL B 63 -33.88 13.22 35.82
C VAL B 63 -33.70 14.00 37.13
N SER B 64 -33.28 13.31 38.20
CA SER B 64 -33.25 13.91 39.53
C SER B 64 -32.21 15.01 39.65
N LYS B 65 -30.99 14.76 39.18
CA LYS B 65 -29.88 15.66 39.44
C LYS B 65 -29.29 16.34 38.22
N PHE B 66 -29.82 16.10 37.02
CA PHE B 66 -29.23 16.67 35.82
C PHE B 66 -30.35 16.93 34.80
N HIS B 67 -29.96 17.16 33.55
CA HIS B 67 -30.89 17.45 32.46
C HIS B 67 -30.66 16.44 31.34
N VAL B 68 -31.74 15.87 30.82
CA VAL B 68 -31.64 14.83 29.81
C VAL B 68 -32.01 15.34 28.42
N ASN B 69 -32.96 16.26 28.30
CA ASN B 69 -33.38 16.77 26.99
C ASN B 69 -32.35 17.67 26.33
N LYS B 70 -31.34 18.14 27.07
CA LYS B 70 -30.26 18.93 26.50
C LYS B 70 -28.94 18.54 27.15
N LEU B 71 -27.92 18.33 26.32
CA LEU B 71 -26.59 17.97 26.78
C LEU B 71 -25.56 18.99 26.29
N ARG B 72 -24.32 18.80 26.71
CA ARG B 72 -23.21 19.65 26.29
C ARG B 72 -22.00 18.75 26.05
N GLY B 73 -20.83 19.39 25.91
CA GLY B 73 -19.61 18.62 25.66
C GLY B 73 -19.16 17.79 26.85
N ARG B 74 -19.28 18.34 28.06
CA ARG B 74 -18.79 17.68 29.26
C ARG B 74 -19.90 17.13 30.14
N HIS B 75 -21.15 17.38 29.82
CA HIS B 75 -22.26 16.87 30.61
C HIS B 75 -22.75 15.50 30.16
N VAL B 76 -22.23 14.98 29.05
CA VAL B 76 -22.62 13.65 28.57
C VAL B 76 -22.20 12.46 29.46
N PRO B 77 -21.14 12.48 30.28
CA PRO B 77 -21.05 11.43 31.31
C PRO B 77 -21.51 11.83 32.71
N LYS B 78 -22.05 13.05 32.87
CA LYS B 78 -22.35 13.57 34.21
C LYS B 78 -23.49 12.81 34.87
N LEU B 79 -24.52 12.42 34.11
CA LEU B 79 -25.58 11.61 34.66
C LEU B 79 -25.15 10.17 34.88
N ARG B 80 -24.18 9.69 34.08
CA ARG B 80 -23.83 8.28 34.04
C ARG B 80 -23.12 7.78 35.28
N GLN B 81 -22.61 8.68 36.14
CA GLN B 81 -21.99 8.24 37.39
C GLN B 81 -23.04 7.79 38.41
N VAL B 82 -24.15 8.53 38.52
CA VAL B 82 -25.14 8.26 39.56
C VAL B 82 -26.19 7.25 39.13
N ILE B 83 -26.11 6.73 37.91
CA ILE B 83 -27.05 5.73 37.42
C ILE B 83 -26.28 4.48 37.05
N GLY B 84 -27.01 3.38 36.86
CA GLY B 84 -26.40 2.13 36.47
C GLY B 84 -27.39 1.14 35.89
N CYS B 85 -26.98 0.45 34.82
CA CYS B 85 -27.80 -0.59 34.22
C CYS B 85 -26.93 -1.80 33.92
N VAL B 86 -27.56 -2.97 33.93
CA VAL B 86 -26.89 -4.23 33.62
C VAL B 86 -27.66 -4.91 32.49
N PHE B 87 -26.97 -5.23 31.41
CA PHE B 87 -27.60 -5.89 30.28
C PHE B 87 -27.72 -7.40 30.56
N GLN B 88 -28.22 -8.12 29.57
CA GLN B 88 -28.50 -9.54 29.76
C GLN B 88 -27.21 -10.36 29.81
N ASP B 89 -26.27 -10.04 28.92
CA ASP B 89 -25.03 -10.77 28.84
C ASP B 89 -24.01 -10.29 29.87
N PHE B 90 -22.96 -11.10 30.03
CA PHE B 90 -21.99 -10.96 31.11
C PHE B 90 -20.88 -9.95 30.82
N ARG B 91 -20.32 -9.98 29.60
CA ARG B 91 -19.18 -9.15 29.12
C ARG B 91 -18.06 -8.92 30.15
N LEU B 92 -17.57 -10.01 30.71
CA LEU B 92 -16.47 -9.94 31.65
C LEU B 92 -15.14 -10.04 30.94
N LEU B 93 -14.09 -9.60 31.60
CA LEU B 93 -12.75 -9.60 31.03
C LEU B 93 -12.04 -10.87 31.48
N GLN B 94 -11.66 -11.70 30.51
CA GLN B 94 -10.96 -12.94 30.81
C GLN B 94 -9.49 -12.71 31.14
N GLN B 95 -8.97 -11.51 30.87
CA GLN B 95 -7.60 -11.18 31.23
C GLN B 95 -7.42 -10.93 32.72
N LYS B 96 -8.50 -10.68 33.46
CA LYS B 96 -8.42 -10.49 34.90
C LYS B 96 -9.42 -11.41 35.59
N THR B 97 -9.23 -11.58 36.89
CA THR B 97 -10.11 -12.41 37.69
C THR B 97 -11.37 -11.65 38.09
N VAL B 98 -12.18 -12.30 38.92
CA VAL B 98 -13.43 -11.69 39.38
C VAL B 98 -13.16 -10.55 40.36
N TYR B 99 -12.08 -10.63 41.13
CA TYR B 99 -11.78 -9.57 42.09
C TYR B 99 -11.30 -8.30 41.39
N ASP B 100 -10.55 -8.45 40.30
CA ASP B 100 -10.10 -7.29 39.54
C ASP B 100 -11.16 -6.80 38.56
N ASN B 101 -12.17 -7.60 38.26
CA ASN B 101 -13.19 -7.18 37.31
C ASN B 101 -14.13 -6.15 37.92
N VAL B 102 -14.45 -6.29 39.20
CA VAL B 102 -15.33 -5.33 39.86
C VAL B 102 -14.63 -4.02 40.15
N ALA B 103 -13.30 -4.00 40.17
CA ALA B 103 -12.53 -2.79 40.37
C ALA B 103 -12.23 -2.06 39.07
N PHE B 104 -12.65 -2.61 37.94
CA PHE B 104 -12.38 -1.98 36.65
C PHE B 104 -13.21 -0.72 36.42
N ALA B 105 -14.33 -0.58 37.12
CA ALA B 105 -15.14 0.62 37.01
C ALA B 105 -14.67 1.74 37.94
N LEU B 106 -13.62 1.51 38.72
CA LEU B 106 -13.16 2.49 39.70
C LEU B 106 -12.16 3.49 39.14
N GLU B 107 -11.29 3.07 38.23
CA GLU B 107 -10.25 3.93 37.69
C GLU B 107 -10.71 4.75 36.50
N VAL B 108 -11.89 4.45 35.95
CA VAL B 108 -12.34 5.13 34.72
C VAL B 108 -12.94 6.50 35.00
N ILE B 109 -13.16 6.86 36.26
CA ILE B 109 -13.73 8.16 36.60
C ILE B 109 -12.60 9.12 36.97
N GLY B 110 -11.52 8.59 37.53
CA GLY B 110 -10.42 9.42 37.99
C GLY B 110 -10.31 9.45 39.50
N LYS B 111 -10.66 8.33 40.13
CA LYS B 111 -10.62 8.25 41.58
C LYS B 111 -9.18 8.18 42.08
N ARG B 112 -8.95 8.80 43.25
CA ARG B 112 -7.64 8.75 43.86
C ARG B 112 -7.36 7.37 44.43
N THR B 113 -6.08 7.05 44.57
CA THR B 113 -5.65 5.71 44.98
C THR B 113 -5.83 5.44 46.46
N ASP B 114 -6.20 6.45 47.25
CA ASP B 114 -6.42 6.24 48.69
C ASP B 114 -7.65 5.39 48.96
N ALA B 115 -8.69 5.52 48.14
CA ALA B 115 -9.94 4.80 48.34
C ALA B 115 -10.17 3.69 47.31
N ILE B 116 -9.18 3.41 46.46
CA ILE B 116 -9.33 2.32 45.48
C ILE B 116 -9.34 0.97 46.19
N ASN B 117 -8.37 0.75 47.07
CA ASN B 117 -8.28 -0.50 47.82
C ASN B 117 -9.08 -0.49 49.10
N ARG B 118 -9.69 0.65 49.45
CA ARG B 118 -10.42 0.79 50.70
C ARG B 118 -11.90 0.46 50.56
N VAL B 119 -12.35 0.02 49.38
CA VAL B 119 -13.77 -0.25 49.18
C VAL B 119 -13.99 -1.70 48.75
N VAL B 120 -12.96 -2.31 48.17
CA VAL B 120 -13.07 -3.71 47.73
C VAL B 120 -13.17 -4.71 48.90
N PRO B 121 -12.69 -4.45 50.18
CA PRO B 121 -13.14 -5.36 51.24
C PRO B 121 -14.40 -4.88 51.94
N GLU B 122 -15.10 -3.92 51.33
CA GLU B 122 -16.33 -3.37 51.90
C GLU B 122 -17.57 -3.66 51.07
N VAL B 123 -17.41 -3.92 49.77
CA VAL B 123 -18.55 -4.18 48.90
C VAL B 123 -18.60 -5.64 48.45
N LEU B 124 -17.48 -6.37 48.49
CA LEU B 124 -17.43 -7.74 48.00
C LEU B 124 -18.20 -8.69 48.90
N GLU B 125 -18.24 -8.39 50.20
CA GLU B 125 -19.03 -9.19 51.14
C GLU B 125 -20.51 -8.81 51.12
N THR B 126 -20.87 -7.66 50.53
CA THR B 126 -22.28 -7.32 50.39
C THR B 126 -22.94 -8.17 49.32
N VAL B 127 -22.15 -8.60 48.33
CA VAL B 127 -22.62 -9.51 47.30
C VAL B 127 -22.86 -10.89 47.93
N GLY B 128 -23.95 -11.55 47.53
CA GLY B 128 -24.24 -12.87 48.04
C GLY B 128 -23.21 -13.91 47.63
N LEU B 129 -22.82 -13.90 46.35
CA LEU B 129 -21.69 -14.72 45.89
C LEU B 129 -20.44 -13.85 45.98
N SER B 130 -19.87 -13.82 47.19
CA SER B 130 -18.59 -13.13 47.38
C SER B 130 -17.48 -13.85 46.65
N GLY B 131 -17.53 -15.17 46.59
CA GLY B 131 -16.58 -15.95 45.83
C GLY B 131 -15.24 -16.07 46.53
N LYS B 132 -14.30 -16.68 45.83
CA LYS B 132 -12.94 -16.86 46.32
C LYS B 132 -12.01 -15.72 45.90
N ALA B 133 -12.52 -14.75 45.13
CA ALA B 133 -11.79 -13.59 44.61
C ALA B 133 -10.60 -13.96 43.74
N ASN B 134 -10.59 -15.19 43.19
CA ASN B 134 -9.55 -15.62 42.28
C ASN B 134 -10.12 -16.47 41.14
N ARG B 135 -11.42 -16.34 40.88
CA ARG B 135 -12.08 -17.20 39.91
C ARG B 135 -11.98 -16.64 38.50
N LEU B 136 -11.70 -17.52 37.54
CA LEU B 136 -11.75 -17.18 36.13
C LEU B 136 -13.20 -17.02 35.69
N PRO B 137 -13.50 -15.96 34.92
CA PRO B 137 -14.86 -15.84 34.35
C PRO B 137 -15.23 -16.97 33.40
N ASP B 138 -14.27 -17.55 32.69
CA ASP B 138 -14.58 -18.67 31.80
C ASP B 138 -14.83 -19.97 32.57
N GLU B 139 -14.14 -20.17 33.69
CA GLU B 139 -14.25 -21.41 34.44
C GLU B 139 -15.54 -21.47 35.26
N LEU B 140 -16.04 -20.32 35.72
CA LEU B 140 -17.24 -20.29 36.55
C LEU B 140 -18.49 -20.60 35.75
N SER B 141 -19.50 -21.10 36.46
CA SER B 141 -20.74 -21.57 35.85
C SER B 141 -21.67 -20.42 35.50
N GLY B 142 -22.70 -20.72 34.72
CA GLY B 142 -23.64 -19.73 34.25
C GLY B 142 -24.61 -19.23 35.29
N GLY B 143 -24.66 -19.85 36.46
CA GLY B 143 -25.49 -19.32 37.52
C GLY B 143 -24.92 -18.05 38.13
N GLU B 144 -23.60 -18.00 38.31
CA GLU B 144 -22.96 -16.94 39.06
C GLU B 144 -22.43 -15.81 38.18
N GLN B 145 -22.52 -15.94 36.85
CA GLN B 145 -21.97 -14.92 35.96
C GLN B 145 -22.80 -13.64 35.94
N GLN B 146 -24.06 -13.69 36.36
CA GLN B 146 -24.89 -12.50 36.34
C GLN B 146 -24.88 -11.75 37.65
N ARG B 147 -24.65 -12.45 38.77
CA ARG B 147 -24.55 -11.76 40.05
C ARG B 147 -23.25 -10.96 40.13
N VAL B 148 -22.17 -11.50 39.56
CA VAL B 148 -20.96 -10.70 39.43
C VAL B 148 -21.11 -9.62 38.37
N ALA B 149 -22.08 -9.76 37.46
CA ALA B 149 -22.35 -8.70 36.49
C ALA B 149 -23.10 -7.54 37.11
N ILE B 150 -23.96 -7.81 38.10
CA ILE B 150 -24.67 -6.73 38.78
C ILE B 150 -23.91 -6.24 40.01
N ALA B 151 -22.88 -6.97 40.46
CA ALA B 151 -22.09 -6.52 41.59
C ALA B 151 -21.26 -5.29 41.25
N ARG B 152 -20.75 -5.22 40.02
CA ARG B 152 -19.89 -4.11 39.63
C ARG B 152 -20.67 -2.82 39.46
N ALA B 153 -21.97 -2.89 39.22
CA ALA B 153 -22.79 -1.69 39.21
C ALA B 153 -23.19 -1.23 40.61
N PHE B 154 -23.01 -2.09 41.61
CA PHE B 154 -23.42 -1.81 42.97
C PHE B 154 -22.37 -1.04 43.77
N VAL B 155 -21.11 -1.02 43.31
CA VAL B 155 -19.99 -0.60 44.14
C VAL B 155 -19.98 0.90 44.43
N ASN B 156 -20.67 1.70 43.63
CA ASN B 156 -20.72 3.14 43.83
C ASN B 156 -22.01 3.60 44.47
N ARG B 157 -22.96 2.68 44.69
CA ARG B 157 -24.34 2.91 45.13
C ARG B 157 -25.03 3.96 44.25
N PRO B 158 -25.35 3.64 43.00
CA PRO B 158 -25.99 4.62 42.14
C PRO B 158 -27.46 4.81 42.49
N LEU B 159 -28.00 5.95 42.07
CA LEU B 159 -29.39 6.26 42.38
C LEU B 159 -30.35 5.41 41.55
N VAL B 160 -29.93 4.99 40.36
CA VAL B 160 -30.73 4.13 39.49
C VAL B 160 -29.93 2.87 39.21
N LEU B 161 -30.52 1.72 39.50
CA LEU B 161 -29.83 0.43 39.37
C LEU B 161 -30.78 -0.55 38.67
N LEU B 162 -31.32 -0.12 37.54
CA LEU B 162 -32.21 -0.99 36.77
C LEU B 162 -31.42 -2.07 36.06
N ALA B 163 -32.15 -3.07 35.55
CA ALA B 163 -31.54 -4.16 34.79
C ALA B 163 -32.64 -4.79 33.93
N ASP B 164 -32.41 -4.87 32.62
CA ASP B 164 -33.39 -5.44 31.71
C ASP B 164 -33.09 -6.92 31.50
N GLU B 165 -34.08 -7.77 31.80
CA GLU B 165 -34.12 -9.22 31.69
C GLU B 165 -32.93 -9.82 32.43
N PRO B 166 -32.96 -9.85 33.76
CA PRO B 166 -31.80 -10.32 34.52
C PRO B 166 -31.57 -11.82 34.46
N THR B 167 -32.56 -12.60 33.99
CA THR B 167 -32.40 -14.05 33.99
C THR B 167 -31.48 -14.49 32.86
N GLY B 168 -31.85 -14.22 31.62
CA GLY B 168 -31.09 -14.71 30.50
C GLY B 168 -31.37 -16.17 30.26
N ASN B 169 -30.31 -16.96 30.09
CA ASN B 169 -30.44 -18.41 29.93
C ASN B 169 -30.28 -19.09 31.29
N LEU B 170 -31.13 -18.69 32.22
CA LEU B 170 -31.06 -19.15 33.59
C LEU B 170 -32.41 -19.72 34.00
N ASP B 171 -32.39 -20.86 34.68
CA ASP B 171 -33.61 -21.49 35.14
C ASP B 171 -34.25 -20.67 36.26
N PRO B 172 -35.58 -20.59 36.31
CA PRO B 172 -36.23 -19.77 37.35
C PRO B 172 -36.19 -20.36 38.74
N GLU B 173 -35.91 -21.65 38.89
CA GLU B 173 -35.75 -22.23 40.22
C GLU B 173 -34.45 -21.81 40.89
N THR B 174 -33.49 -21.29 40.13
CA THR B 174 -32.29 -20.70 40.68
C THR B 174 -32.27 -19.19 40.60
N SER B 175 -33.03 -18.59 39.69
CA SER B 175 -33.07 -17.14 39.52
C SER B 175 -33.85 -16.43 40.62
N ARG B 176 -34.53 -17.19 41.48
CA ARG B 176 -35.34 -16.59 42.55
C ARG B 176 -34.48 -15.85 43.55
N ASP B 177 -33.27 -16.36 43.84
CA ASP B 177 -32.39 -15.66 44.76
C ASP B 177 -31.83 -14.38 44.15
N ILE B 178 -31.55 -14.41 42.83
CA ILE B 178 -31.10 -13.21 42.13
C ILE B 178 -32.20 -12.15 42.14
N MET B 179 -33.45 -12.57 41.94
CA MET B 179 -34.57 -11.65 42.07
C MET B 179 -34.74 -11.14 43.49
N ASP B 180 -34.53 -12.01 44.48
CA ASP B 180 -34.75 -11.67 45.89
C ASP B 180 -33.64 -10.82 46.49
N LEU B 181 -32.48 -10.75 45.86
CA LEU B 181 -31.46 -9.83 46.36
C LEU B 181 -31.67 -8.39 45.89
N LEU B 182 -32.59 -8.16 44.96
CA LEU B 182 -32.79 -6.81 44.44
C LEU B 182 -33.50 -5.91 45.43
N GLU B 183 -34.32 -6.48 46.32
CA GLU B 183 -34.96 -5.64 47.31
C GLU B 183 -34.01 -5.16 48.40
N ARG B 184 -32.81 -5.76 48.53
CA ARG B 184 -31.76 -5.16 49.34
C ARG B 184 -31.34 -3.80 48.78
N ILE B 185 -31.16 -3.73 47.45
CA ILE B 185 -30.88 -2.47 46.78
C ILE B 185 -32.07 -1.54 46.87
N ASN B 186 -33.28 -2.11 46.83
CA ASN B 186 -34.49 -1.27 46.88
C ASN B 186 -34.66 -0.63 48.25
N ARG B 187 -34.42 -1.36 49.34
CA ARG B 187 -34.48 -0.75 50.66
C ARG B 187 -33.17 -0.10 51.07
N THR B 188 -32.14 -0.15 50.22
CA THR B 188 -31.04 0.80 50.38
C THR B 188 -31.54 2.23 50.18
N GLY B 189 -32.45 2.43 49.22
CA GLY B 189 -33.11 3.70 49.04
C GLY B 189 -33.18 4.17 47.61
N THR B 190 -32.56 3.40 46.71
CA THR B 190 -32.44 3.80 45.32
C THR B 190 -33.69 3.39 44.53
N THR B 191 -33.65 3.65 43.24
CA THR B 191 -34.74 3.31 42.32
C THR B 191 -34.29 2.18 41.41
N VAL B 192 -35.10 1.12 41.33
CA VAL B 192 -34.81 -0.03 40.51
C VAL B 192 -36.03 -0.38 39.67
N LEU B 193 -35.77 -1.02 38.53
CA LEU B 193 -36.82 -1.45 37.63
C LEU B 193 -36.30 -2.59 36.76
N MET B 194 -37.22 -3.46 36.33
CA MET B 194 -36.88 -4.56 35.44
C MET B 194 -38.08 -4.86 34.56
N ALA B 195 -37.82 -5.11 33.27
CA ALA B 195 -38.84 -5.33 32.27
C ALA B 195 -38.65 -6.72 31.69
N THR B 196 -39.53 -7.65 32.06
CA THR B 196 -39.36 -9.03 31.63
C THR B 196 -40.75 -9.65 31.49
N HIS B 197 -40.95 -10.42 30.41
CA HIS B 197 -42.17 -11.21 30.21
C HIS B 197 -42.13 -12.42 31.15
N ASP B 198 -42.41 -12.15 32.42
CA ASP B 198 -42.24 -13.13 33.49
C ASP B 198 -43.53 -13.22 34.30
N HIS B 199 -44.62 -13.48 33.59
CA HIS B 199 -45.92 -13.69 34.22
C HIS B 199 -45.93 -14.94 35.07
N HIS B 200 -46.92 -15.01 35.97
CA HIS B 200 -47.19 -16.08 36.95
C HIS B 200 -46.08 -16.24 38.00
N ILE B 201 -45.08 -15.34 38.02
CA ILE B 201 -43.99 -15.39 38.98
C ILE B 201 -43.89 -14.09 39.76
N VAL B 202 -43.83 -12.95 39.04
CA VAL B 202 -43.73 -11.64 39.68
C VAL B 202 -45.03 -11.21 40.35
N ASP B 203 -46.14 -11.89 40.08
CA ASP B 203 -47.41 -11.58 40.72
C ASP B 203 -47.45 -12.00 42.18
N SER B 204 -46.51 -12.86 42.62
CA SER B 204 -46.42 -13.23 44.02
C SER B 204 -46.02 -12.03 44.89
N MET B 205 -45.09 -11.21 44.39
CA MET B 205 -44.73 -10.00 45.13
C MET B 205 -45.81 -8.93 45.02
N ARG B 206 -46.58 -8.96 43.92
CA ARG B 206 -47.68 -8.02 43.64
C ARG B 206 -47.20 -6.57 43.66
N GLN B 207 -46.17 -6.30 42.86
CA GLN B 207 -45.57 -4.98 42.78
C GLN B 207 -46.26 -4.18 41.68
N ARG B 208 -45.66 -3.04 41.31
CA ARG B 208 -46.21 -2.19 40.28
C ARG B 208 -45.93 -2.79 38.91
N VAL B 209 -46.99 -3.14 38.18
CA VAL B 209 -46.89 -3.79 36.88
C VAL B 209 -47.48 -2.85 35.83
N VAL B 210 -46.68 -2.52 34.81
CA VAL B 210 -47.12 -1.68 33.71
C VAL B 210 -46.84 -2.42 32.41
N GLU B 211 -47.39 -1.89 31.32
CA GLU B 211 -47.16 -2.45 30.00
C GLU B 211 -47.36 -1.36 28.95
N LEU B 212 -46.51 -1.38 27.93
CA LEU B 212 -46.57 -0.43 26.82
C LEU B 212 -46.74 -1.25 25.54
N SER B 213 -47.99 -1.35 25.07
CA SER B 213 -48.30 -2.27 23.98
C SER B 213 -47.77 -1.77 22.65
N LEU B 214 -48.24 -0.62 22.20
CA LEU B 214 -47.81 0.00 20.94
C LEU B 214 -47.55 1.48 21.14
N GLY B 215 -46.80 1.80 22.20
CA GLY B 215 -46.70 3.17 22.64
C GLY B 215 -47.88 3.63 23.46
N ARG B 216 -48.70 2.70 23.96
CA ARG B 216 -49.86 3.03 24.79
C ARG B 216 -49.76 2.26 26.09
N LEU B 217 -49.90 2.97 27.21
CA LEU B 217 -49.87 2.35 28.53
C LEU B 217 -51.24 1.76 28.84
N VAL B 218 -51.30 0.45 29.05
CA VAL B 218 -52.56 -0.24 29.26
C VAL B 218 -52.82 -0.58 30.72
N ARG B 219 -51.81 -0.55 31.58
CA ARG B 219 -51.98 -0.82 33.00
C ARG B 219 -51.02 0.06 33.79
N ASP B 220 -51.50 0.63 34.88
CA ASP B 220 -50.67 1.43 35.78
C ASP B 220 -51.00 1.12 37.23
N GLU B 221 -51.13 -0.17 37.55
CA GLU B 221 -51.43 -0.59 38.92
C GLU B 221 -50.21 -0.40 39.80
N GLN B 222 -50.43 0.19 40.99
CA GLN B 222 -49.33 0.44 41.91
C GLN B 222 -48.89 -0.84 42.64
N ARG B 223 -49.82 -1.77 42.86
CA ARG B 223 -49.49 -3.02 43.53
C ARG B 223 -50.21 -4.20 42.88
N GLY B 224 -50.43 -4.15 41.57
CA GLY B 224 -51.20 -5.14 40.87
C GLY B 224 -50.39 -6.34 40.45
N VAL B 225 -50.90 -7.04 39.44
CA VAL B 225 -50.32 -8.28 38.93
C VAL B 225 -50.30 -8.20 37.40
N TYR B 226 -49.91 -9.32 36.79
CA TYR B 226 -49.89 -9.41 35.34
C TYR B 226 -51.30 -9.39 34.77
N GLY B 227 -51.47 -8.70 33.66
CA GLY B 227 -52.76 -8.60 33.00
C GLY B 227 -53.03 -9.74 32.03
N MET C 1 -31.34 -46.97 12.25
CA MET C 1 -32.68 -46.57 12.68
C MET C 1 -32.65 -46.00 14.08
N MET C 2 -31.52 -46.21 14.78
CA MET C 2 -31.36 -45.78 16.16
C MET C 2 -30.31 -44.68 16.16
N ILE C 3 -30.73 -43.46 16.50
CA ILE C 3 -29.87 -42.29 16.43
C ILE C 3 -29.68 -41.79 17.86
N THR C 4 -28.56 -42.18 18.47
CA THR C 4 -28.23 -41.75 19.82
C THR C 4 -26.72 -41.85 20.01
N LEU C 5 -26.26 -41.39 21.18
CA LEU C 5 -24.87 -41.52 21.58
C LEU C 5 -24.81 -41.84 23.07
N ASP C 6 -23.74 -42.52 23.47
CA ASP C 6 -23.57 -42.92 24.86
C ASP C 6 -22.09 -42.83 25.24
N HIS C 7 -21.84 -42.41 26.49
CA HIS C 7 -20.51 -42.27 27.07
C HIS C 7 -19.62 -41.34 26.25
N VAL C 8 -20.20 -40.25 25.76
CA VAL C 8 -19.50 -39.30 24.90
C VAL C 8 -19.17 -38.06 25.73
N THR C 9 -17.87 -37.83 25.93
CA THR C 9 -17.40 -36.70 26.71
C THR C 9 -16.37 -35.92 25.91
N LYS C 10 -16.24 -34.64 26.24
CA LYS C 10 -15.26 -33.75 25.60
C LYS C 10 -14.15 -33.31 26.54
N GLN C 11 -14.51 -32.97 27.79
CA GLN C 11 -13.58 -32.64 28.88
C GLN C 11 -12.66 -31.47 28.51
N TYR C 12 -13.29 -30.30 28.37
CA TYR C 12 -12.54 -29.07 28.12
C TYR C 12 -11.62 -28.73 29.28
N LYS C 13 -12.18 -28.69 30.50
CA LYS C 13 -11.37 -28.50 31.69
C LYS C 13 -11.85 -29.37 32.85
N SER C 14 -12.76 -30.31 32.58
CA SER C 14 -13.46 -31.14 33.57
C SER C 14 -14.12 -30.29 34.64
N SER C 15 -13.46 -30.17 35.80
CA SER C 15 -13.87 -29.35 36.94
C SER C 15 -15.26 -29.69 37.44
N ALA C 16 -16.24 -28.81 37.17
CA ALA C 16 -17.60 -29.06 37.61
C ALA C 16 -18.28 -30.14 36.78
N ARG C 17 -18.07 -30.12 35.47
CA ARG C 17 -18.71 -31.09 34.60
C ARG C 17 -17.84 -31.39 33.39
N PRO C 18 -17.25 -32.58 33.31
CA PRO C 18 -16.49 -32.97 32.10
C PRO C 18 -17.41 -33.38 30.96
N ALA C 19 -18.08 -32.36 30.38
CA ALA C 19 -19.12 -32.47 29.36
C ALA C 19 -20.22 -33.44 29.78
N LEU C 20 -20.19 -34.66 29.25
CA LEU C 20 -21.17 -35.69 29.55
C LEU C 20 -20.42 -36.97 29.92
N ASP C 21 -20.31 -37.24 31.22
CA ASP C 21 -19.57 -38.41 31.68
C ASP C 21 -20.31 -39.70 31.34
N ASP C 22 -21.64 -39.70 31.45
CA ASP C 22 -22.43 -40.88 31.15
C ASP C 22 -23.80 -40.44 30.66
N ILE C 23 -24.14 -40.81 29.44
CA ILE C 23 -25.45 -40.55 28.85
C ILE C 23 -25.99 -41.85 28.26
N ASN C 24 -27.30 -42.02 28.35
CA ASN C 24 -27.97 -43.21 27.81
C ASN C 24 -29.29 -42.81 27.14
N VAL C 25 -29.26 -41.73 26.37
CA VAL C 25 -30.47 -41.23 25.73
C VAL C 25 -30.82 -42.08 24.52
N LYS C 26 -32.04 -41.90 24.02
CA LYS C 26 -32.51 -42.56 22.81
C LYS C 26 -33.50 -41.66 22.10
N ILE C 27 -33.32 -41.49 20.79
CA ILE C 27 -34.17 -40.64 19.97
C ILE C 27 -34.91 -41.52 18.98
N ASP C 28 -36.24 -41.41 18.97
CA ASP C 28 -37.08 -42.15 18.06
C ASP C 28 -37.54 -41.24 16.92
N LYS C 29 -38.25 -41.83 15.96
CA LYS C 29 -38.77 -41.08 14.82
C LYS C 29 -39.98 -40.26 15.27
N GLY C 30 -39.92 -38.95 15.08
CA GLY C 30 -40.97 -38.08 15.55
C GLY C 30 -41.02 -37.93 17.06
N GLU C 31 -39.91 -38.18 17.74
CA GLU C 31 -39.87 -38.13 19.20
C GLU C 31 -39.63 -36.69 19.66
N PHE C 32 -40.47 -36.23 20.59
CA PHE C 32 -40.35 -34.90 21.18
C PHE C 32 -39.71 -35.08 22.55
N VAL C 33 -38.42 -34.72 22.66
CA VAL C 33 -37.63 -34.98 23.86
C VAL C 33 -37.24 -33.65 24.49
N PHE C 34 -37.67 -33.45 25.73
CA PHE C 34 -37.33 -32.24 26.49
C PHE C 34 -35.89 -32.30 26.99
N LEU C 35 -35.36 -31.12 27.29
CA LEU C 35 -34.03 -31.00 27.89
C LEU C 35 -33.99 -29.71 28.71
N ILE C 36 -34.08 -29.83 30.04
CA ILE C 36 -33.99 -28.71 30.96
C ILE C 36 -33.01 -29.08 32.08
N GLY C 37 -32.88 -28.17 33.05
CA GLY C 37 -32.01 -28.38 34.18
C GLY C 37 -31.38 -27.10 34.66
N PRO C 38 -30.24 -27.20 35.35
CA PRO C 38 -29.47 -26.01 35.69
C PRO C 38 -28.75 -25.45 34.48
N SER C 39 -28.14 -24.28 34.67
CA SER C 39 -27.48 -23.59 33.57
C SER C 39 -26.14 -24.22 33.19
N GLY C 40 -25.46 -24.87 34.13
CA GLY C 40 -24.12 -25.38 33.92
C GLY C 40 -23.98 -26.84 33.57
N SER C 41 -25.04 -27.50 33.08
CA SER C 41 -24.95 -28.92 32.79
C SER C 41 -24.16 -29.20 31.52
N GLY C 42 -24.06 -28.23 30.62
CA GLY C 42 -23.36 -28.46 29.37
C GLY C 42 -24.30 -28.77 28.22
N LYS C 43 -25.37 -27.97 28.08
CA LYS C 43 -26.37 -28.25 27.07
C LYS C 43 -25.90 -27.88 25.67
N SER C 44 -25.41 -26.65 25.49
CA SER C 44 -25.02 -26.17 24.17
C SER C 44 -23.79 -26.90 23.64
N THR C 45 -22.92 -27.38 24.54
CA THR C 45 -21.83 -28.26 24.13
C THR C 45 -22.35 -29.57 23.57
N PHE C 46 -23.39 -30.14 24.18
CA PHE C 46 -24.00 -31.34 23.63
C PHE C 46 -24.75 -31.04 22.34
N MET C 47 -25.26 -29.82 22.19
CA MET C 47 -25.92 -29.44 20.95
C MET C 47 -24.91 -29.34 19.81
N ARG C 48 -23.75 -28.77 20.08
CA ARG C 48 -22.64 -28.74 19.13
C ARG C 48 -22.08 -30.13 18.86
N LEU C 49 -22.16 -31.03 19.84
CA LEU C 49 -21.65 -32.39 19.65
C LEU C 49 -22.50 -33.18 18.66
N LEU C 50 -23.81 -32.95 18.65
CA LEU C 50 -24.67 -33.63 17.69
C LEU C 50 -24.43 -33.14 16.27
N LEU C 51 -24.09 -31.86 16.11
CA LEU C 51 -23.64 -31.36 14.82
C LEU C 51 -22.12 -31.43 14.67
N ALA C 52 -21.44 -32.03 15.66
CA ALA C 52 -20.06 -32.49 15.57
C ALA C 52 -19.04 -31.36 15.37
N ALA C 53 -19.34 -30.16 15.83
CA ALA C 53 -18.32 -29.12 15.87
C ALA C 53 -17.45 -29.23 17.13
N GLU C 54 -17.89 -29.97 18.13
CA GLU C 54 -17.10 -30.24 19.32
C GLU C 54 -16.50 -31.64 19.20
N THR C 55 -15.21 -31.75 19.47
CA THR C 55 -14.51 -33.01 19.31
C THR C 55 -14.90 -33.97 20.44
N PRO C 56 -15.43 -35.15 20.14
CA PRO C 56 -15.74 -36.12 21.19
C PRO C 56 -14.49 -36.83 21.65
N THR C 57 -14.04 -36.50 22.87
CA THR C 57 -12.86 -37.14 23.43
C THR C 57 -13.14 -38.59 23.81
N SER C 58 -14.40 -38.90 24.16
CA SER C 58 -14.82 -40.25 24.46
C SER C 58 -16.03 -40.60 23.62
N GLY C 59 -16.25 -41.91 23.43
CA GLY C 59 -17.42 -42.38 22.74
C GLY C 59 -17.36 -42.18 21.24
N ASP C 60 -18.46 -42.58 20.59
CA ASP C 60 -18.63 -42.43 19.15
C ASP C 60 -19.92 -41.69 18.87
N VAL C 61 -19.93 -40.87 17.83
CA VAL C 61 -21.09 -40.06 17.47
C VAL C 61 -21.65 -40.54 16.14
N ARG C 62 -22.97 -40.72 16.09
CA ARG C 62 -23.67 -41.20 14.91
C ARG C 62 -25.14 -40.84 15.05
N VAL C 63 -25.70 -40.15 14.08
CA VAL C 63 -27.13 -39.85 14.04
C VAL C 63 -27.71 -40.48 12.77
N SER C 64 -28.15 -41.74 12.91
CA SER C 64 -29.01 -42.48 11.97
C SER C 64 -28.42 -42.77 10.60
N LYS C 65 -27.23 -42.26 10.29
CA LYS C 65 -26.63 -42.49 8.98
C LYS C 65 -25.30 -43.24 9.07
N PHE C 66 -24.32 -42.70 9.80
CA PHE C 66 -23.00 -43.29 9.86
C PHE C 66 -22.27 -42.76 11.08
N HIS C 67 -21.22 -43.47 11.49
CA HIS C 67 -20.42 -43.08 12.64
C HIS C 67 -19.55 -41.89 12.25
N VAL C 68 -19.76 -40.75 12.89
CA VAL C 68 -19.00 -39.55 12.61
C VAL C 68 -17.89 -39.33 13.63
N ASN C 69 -17.48 -40.39 14.34
CA ASN C 69 -16.41 -40.27 15.32
C ASN C 69 -15.06 -40.04 14.64
N LYS C 70 -14.78 -40.78 13.57
CA LYS C 70 -13.53 -40.68 12.82
C LYS C 70 -13.89 -40.64 11.34
N LEU C 71 -14.12 -39.43 10.83
CA LEU C 71 -14.48 -39.23 9.43
C LEU C 71 -13.63 -38.12 8.84
N ARG C 72 -13.32 -38.25 7.55
CA ARG C 72 -12.49 -37.28 6.86
C ARG C 72 -13.28 -36.00 6.62
N GLY C 73 -12.54 -34.89 6.50
CA GLY C 73 -13.12 -33.55 6.47
C GLY C 73 -14.04 -33.26 5.30
N ARG C 74 -13.86 -33.96 4.17
CA ARG C 74 -14.81 -33.80 3.07
C ARG C 74 -16.15 -34.45 3.39
N HIS C 75 -16.15 -35.51 4.18
CA HIS C 75 -17.39 -36.18 4.59
C HIS C 75 -17.95 -35.64 5.90
N VAL C 76 -17.27 -34.68 6.52
CA VAL C 76 -17.83 -34.02 7.71
C VAL C 76 -19.11 -33.25 7.43
N PRO C 77 -19.22 -32.38 6.40
CA PRO C 77 -20.51 -31.72 6.17
C PRO C 77 -21.53 -32.57 5.43
N LYS C 78 -21.21 -33.84 5.11
CA LYS C 78 -22.16 -34.70 4.40
C LYS C 78 -23.31 -35.19 5.29
N LEU C 79 -23.23 -34.94 6.60
CA LEU C 79 -24.31 -35.27 7.52
C LEU C 79 -25.12 -34.05 7.94
N ARG C 80 -24.59 -32.85 7.72
CA ARG C 80 -25.14 -31.62 8.31
C ARG C 80 -26.31 -31.05 7.53
N GLN C 81 -26.69 -31.65 6.40
CA GLN C 81 -27.75 -31.06 5.58
C GLN C 81 -29.13 -31.27 6.19
N VAL C 82 -29.31 -32.33 6.97
CA VAL C 82 -30.62 -32.65 7.53
C VAL C 82 -30.70 -32.15 8.96
N ILE C 83 -29.75 -31.30 9.35
CA ILE C 83 -29.65 -30.81 10.72
C ILE C 83 -30.02 -29.33 10.72
N GLY C 84 -31.01 -28.97 11.54
CA GLY C 84 -31.42 -27.60 11.69
C GLY C 84 -31.41 -27.20 13.15
N CYS C 85 -31.18 -25.90 13.37
CA CYS C 85 -31.11 -25.33 14.71
C CYS C 85 -31.30 -23.83 14.63
N VAL C 86 -31.65 -23.22 15.76
CA VAL C 86 -31.94 -21.79 15.84
C VAL C 86 -31.10 -21.18 16.96
N PHE C 87 -30.96 -19.85 16.90
CA PHE C 87 -30.14 -19.15 17.88
C PHE C 87 -30.77 -17.84 18.34
N GLN C 88 -30.02 -17.04 19.09
CA GLN C 88 -30.58 -15.87 19.77
C GLN C 88 -30.63 -14.66 18.84
N ASP C 89 -29.53 -14.32 18.19
CA ASP C 89 -29.46 -13.16 17.30
C ASP C 89 -29.94 -13.47 15.90
N PHE C 90 -30.34 -14.73 15.64
CA PHE C 90 -31.03 -15.26 14.47
C PHE C 90 -30.16 -15.38 13.23
N ARG C 91 -28.96 -14.78 13.25
CA ARG C 91 -28.05 -14.63 12.10
C ARG C 91 -28.80 -14.21 10.82
N LEU C 92 -29.35 -13.01 10.85
CA LEU C 92 -30.09 -12.47 9.72
C LEU C 92 -29.30 -11.35 9.06
N LEU C 93 -29.15 -11.44 7.74
CA LEU C 93 -28.54 -10.36 6.98
C LEU C 93 -29.57 -9.25 6.79
N GLN C 94 -29.29 -8.07 7.35
CA GLN C 94 -30.23 -6.96 7.30
C GLN C 94 -30.39 -6.39 5.91
N GLN C 95 -29.37 -6.50 5.06
CA GLN C 95 -29.48 -6.02 3.69
C GLN C 95 -30.41 -6.89 2.85
N LYS C 96 -30.46 -8.19 3.13
CA LYS C 96 -31.32 -9.09 2.38
C LYS C 96 -32.75 -9.01 2.89
N THR C 97 -33.68 -9.39 2.02
CA THR C 97 -35.09 -9.46 2.39
C THR C 97 -35.38 -10.78 3.09
N VAL C 98 -36.67 -11.02 3.38
CA VAL C 98 -37.06 -12.26 4.03
C VAL C 98 -36.91 -13.45 3.07
N TYR C 99 -37.36 -13.28 1.82
CA TYR C 99 -37.21 -14.35 0.83
C TYR C 99 -35.76 -14.53 0.40
N ASP C 100 -34.99 -13.44 0.33
CA ASP C 100 -33.59 -13.54 -0.07
C ASP C 100 -32.77 -14.28 0.98
N ASN C 101 -33.06 -14.06 2.26
CA ASN C 101 -32.31 -14.70 3.34
C ASN C 101 -32.53 -16.20 3.37
N VAL C 102 -33.74 -16.67 3.05
CA VAL C 102 -33.98 -18.11 3.05
C VAL C 102 -33.53 -18.74 1.73
N ALA C 103 -33.61 -18.02 0.61
CA ALA C 103 -33.15 -18.58 -0.66
C ALA C 103 -31.64 -18.52 -0.80
N PHE C 104 -30.95 -17.76 0.07
CA PHE C 104 -29.48 -17.70 0.02
C PHE C 104 -28.87 -19.07 0.30
N ALA C 105 -29.42 -19.81 1.26
CA ALA C 105 -28.93 -21.16 1.55
C ALA C 105 -29.15 -22.10 0.37
N LEU C 106 -30.32 -21.97 -0.28
CA LEU C 106 -30.67 -22.81 -1.42
C LEU C 106 -29.73 -22.56 -2.59
N GLU C 107 -29.40 -21.28 -2.83
CA GLU C 107 -28.50 -20.96 -3.92
C GLU C 107 -27.03 -21.15 -3.56
N VAL C 108 -26.68 -21.28 -2.28
CA VAL C 108 -25.28 -21.48 -1.93
C VAL C 108 -24.92 -22.98 -1.80
N ILE C 109 -25.90 -23.85 -1.53
CA ILE C 109 -25.58 -25.28 -1.54
C ILE C 109 -25.35 -25.75 -2.98
N GLY C 110 -26.14 -25.26 -3.92
CA GLY C 110 -25.88 -25.42 -5.34
C GLY C 110 -26.68 -26.54 -5.99
N LYS C 111 -27.81 -26.17 -6.58
CA LYS C 111 -28.76 -27.10 -7.20
C LYS C 111 -29.14 -26.60 -8.58
N ARG C 112 -30.19 -27.19 -9.15
CA ARG C 112 -30.79 -26.63 -10.37
C ARG C 112 -31.66 -25.44 -10.01
N THR C 113 -31.30 -24.27 -10.55
CA THR C 113 -31.89 -23.00 -10.13
C THR C 113 -33.38 -22.91 -10.49
N ASP C 114 -33.76 -23.49 -11.62
CA ASP C 114 -35.19 -23.59 -11.98
C ASP C 114 -35.98 -24.47 -11.03
N ALA C 115 -35.32 -25.45 -10.39
CA ALA C 115 -35.94 -26.23 -9.33
C ALA C 115 -35.72 -25.63 -7.96
N ILE C 116 -35.09 -24.47 -7.87
CA ILE C 116 -34.86 -23.77 -6.61
C ILE C 116 -35.83 -22.61 -6.44
N ASN C 117 -35.92 -21.74 -7.45
CA ASN C 117 -36.79 -20.58 -7.34
C ASN C 117 -38.27 -20.93 -7.40
N ARG C 118 -38.62 -22.06 -8.03
CA ARG C 118 -40.01 -22.46 -8.09
C ARG C 118 -40.49 -23.02 -6.75
N VAL C 119 -39.59 -23.68 -6.01
CA VAL C 119 -39.97 -24.30 -4.74
C VAL C 119 -39.82 -23.37 -3.55
N VAL C 120 -39.31 -22.16 -3.77
CA VAL C 120 -39.29 -21.15 -2.69
C VAL C 120 -40.70 -20.76 -2.22
N PRO C 121 -41.66 -20.42 -3.10
CA PRO C 121 -43.02 -20.21 -2.57
C PRO C 121 -43.76 -21.50 -2.26
N GLU C 122 -43.25 -22.65 -2.69
CA GLU C 122 -43.93 -23.92 -2.40
C GLU C 122 -43.80 -24.30 -0.93
N VAL C 123 -42.68 -23.98 -0.31
CA VAL C 123 -42.48 -24.25 1.12
C VAL C 123 -42.42 -23.00 1.96
N LEU C 124 -42.30 -21.81 1.35
CA LEU C 124 -42.31 -20.57 2.11
C LEU C 124 -43.69 -20.21 2.64
N GLU C 125 -44.75 -20.73 2.02
CA GLU C 125 -46.12 -20.44 2.42
C GLU C 125 -46.62 -21.42 3.48
N THR C 126 -45.83 -21.61 4.52
CA THR C 126 -46.22 -22.41 5.67
C THR C 126 -46.15 -21.63 6.97
N VAL C 127 -45.12 -20.83 7.15
CA VAL C 127 -44.99 -19.94 8.30
C VAL C 127 -45.77 -18.67 8.01
N GLY C 128 -45.93 -17.83 9.03
CA GLY C 128 -46.56 -16.54 8.86
C GLY C 128 -45.72 -15.50 8.15
N LEU C 129 -44.44 -15.80 7.88
CA LEU C 129 -43.57 -14.88 7.16
C LEU C 129 -43.91 -14.79 5.67
N SER C 130 -44.72 -15.71 5.14
CA SER C 130 -45.22 -15.58 3.78
C SER C 130 -46.17 -14.40 3.69
N GLY C 131 -46.02 -13.61 2.63
CA GLY C 131 -46.73 -12.36 2.51
C GLY C 131 -45.90 -11.22 3.10
N LYS C 132 -45.64 -10.20 2.27
CA LYS C 132 -44.72 -9.09 2.57
C LYS C 132 -43.33 -9.60 2.96
N ALA C 133 -42.87 -10.63 2.25
CA ALA C 133 -41.55 -11.21 2.46
C ALA C 133 -40.51 -10.62 1.54
N ASN C 134 -40.90 -9.66 0.70
CA ASN C 134 -39.95 -8.93 -0.13
C ASN C 134 -39.37 -7.71 0.55
N ARG C 135 -39.81 -7.41 1.78
CA ARG C 135 -39.34 -6.25 2.51
C ARG C 135 -38.18 -6.63 3.43
N LEU C 136 -37.46 -5.62 3.88
CA LEU C 136 -36.37 -5.84 4.83
C LEU C 136 -36.94 -6.17 6.20
N PRO C 137 -36.36 -7.15 6.90
CA PRO C 137 -36.90 -7.56 8.20
C PRO C 137 -36.55 -6.64 9.36
N ASP C 138 -35.86 -5.52 9.12
CA ASP C 138 -35.49 -4.62 10.19
C ASP C 138 -36.70 -3.86 10.74
N GLU C 139 -37.62 -3.45 9.87
CA GLU C 139 -38.79 -2.69 10.29
C GLU C 139 -39.90 -3.58 10.82
N LEU C 140 -39.79 -4.89 10.69
CA LEU C 140 -40.84 -5.80 11.16
C LEU C 140 -40.71 -6.05 12.66
N SER C 141 -41.76 -6.62 13.23
CA SER C 141 -41.85 -6.80 14.67
C SER C 141 -41.04 -8.02 15.11
N GLY C 142 -41.05 -8.27 16.42
CA GLY C 142 -40.20 -9.29 17.01
C GLY C 142 -40.69 -10.71 16.90
N GLY C 143 -41.88 -10.94 16.35
CA GLY C 143 -42.46 -12.26 16.36
C GLY C 143 -42.21 -13.12 15.13
N GLU C 144 -41.63 -12.53 14.09
CA GLU C 144 -41.54 -13.18 12.79
C GLU C 144 -40.11 -13.57 12.40
N GLN C 145 -39.11 -13.18 13.19
CA GLN C 145 -37.73 -13.53 12.85
C GLN C 145 -37.46 -15.01 13.11
N GLN C 146 -38.14 -15.60 14.09
CA GLN C 146 -38.00 -17.03 14.33
C GLN C 146 -38.59 -17.86 13.20
N ARG C 147 -39.61 -17.33 12.52
CA ARG C 147 -40.13 -17.98 11.31
C ARG C 147 -39.06 -18.05 10.24
N VAL C 148 -38.32 -16.96 10.05
CA VAL C 148 -37.23 -16.94 9.09
C VAL C 148 -36.11 -17.86 9.54
N ALA C 149 -35.88 -17.95 10.85
CA ALA C 149 -34.86 -18.85 11.38
C ALA C 149 -35.21 -20.31 11.13
N ILE C 150 -36.47 -20.69 11.31
CA ILE C 150 -36.85 -22.08 11.11
C ILE C 150 -37.16 -22.40 9.65
N ALA C 151 -37.30 -21.37 8.81
CA ALA C 151 -37.61 -21.60 7.40
C ALA C 151 -36.46 -22.28 6.68
N ARG C 152 -35.22 -21.83 6.92
CA ARG C 152 -34.06 -22.42 6.25
C ARG C 152 -33.79 -23.84 6.72
N ALA C 153 -34.29 -24.23 7.89
CA ALA C 153 -34.30 -25.64 8.26
C ALA C 153 -35.53 -26.36 7.75
N PHE C 154 -36.56 -25.63 7.35
CA PHE C 154 -37.80 -26.24 6.86
C PHE C 154 -37.74 -26.56 5.37
N VAL C 155 -36.95 -25.82 4.60
CA VAL C 155 -36.94 -25.94 3.14
C VAL C 155 -36.39 -27.29 2.66
N ASN C 156 -35.43 -27.87 3.36
CA ASN C 156 -34.89 -29.16 2.95
C ASN C 156 -35.75 -30.30 3.49
N ARG C 157 -35.23 -31.51 3.40
CA ARG C 157 -35.90 -32.68 3.94
C ARG C 157 -35.12 -33.16 5.15
N PRO C 158 -35.46 -32.72 6.37
CA PRO C 158 -34.62 -32.99 7.53
C PRO C 158 -34.92 -34.36 8.15
N LEU C 159 -33.94 -34.83 8.88
CA LEU C 159 -34.09 -36.00 9.76
C LEU C 159 -33.62 -35.69 11.17
N VAL C 160 -32.60 -34.84 11.32
CA VAL C 160 -31.94 -34.61 12.60
C VAL C 160 -32.16 -33.12 12.90
N LEU C 161 -33.33 -32.61 12.54
CA LEU C 161 -33.68 -31.24 12.87
C LEU C 161 -33.85 -31.10 14.38
N LEU C 162 -33.47 -29.93 14.91
CA LEU C 162 -33.35 -29.72 16.34
C LEU C 162 -33.80 -28.30 16.66
N ALA C 163 -34.19 -28.07 17.91
CA ALA C 163 -34.61 -26.75 18.38
C ALA C 163 -33.92 -26.45 19.70
N ASP C 164 -32.80 -25.74 19.64
CA ASP C 164 -32.10 -25.28 20.83
C ASP C 164 -32.27 -23.77 21.00
N GLU C 165 -32.47 -23.35 22.25
CA GLU C 165 -32.81 -21.99 22.69
C GLU C 165 -34.04 -21.52 21.90
N PRO C 166 -35.22 -22.04 22.21
CA PRO C 166 -36.37 -21.80 21.33
C PRO C 166 -37.09 -20.47 21.54
N THR C 167 -37.09 -19.96 22.77
CA THR C 167 -37.86 -18.76 23.08
C THR C 167 -37.01 -17.53 23.35
N GLY C 168 -36.06 -17.59 24.28
CA GLY C 168 -35.23 -16.43 24.58
C GLY C 168 -36.03 -15.27 25.16
N ASN C 169 -35.83 -14.09 24.57
CA ASN C 169 -36.52 -12.86 24.98
C ASN C 169 -37.86 -12.70 24.25
N LEU C 170 -38.76 -13.65 24.51
CA LEU C 170 -40.03 -13.72 23.82
C LEU C 170 -41.14 -14.04 24.82
N ASP C 171 -42.31 -13.45 24.58
CA ASP C 171 -43.43 -13.52 25.52
C ASP C 171 -44.00 -14.93 25.61
N PRO C 172 -44.61 -15.29 26.75
CA PRO C 172 -45.32 -16.57 26.83
C PRO C 172 -46.49 -16.70 25.87
N GLU C 173 -47.21 -15.60 25.59
CA GLU C 173 -48.31 -15.65 24.62
C GLU C 173 -47.80 -15.91 23.21
N THR C 174 -46.73 -15.22 22.82
CA THR C 174 -46.08 -15.52 21.55
C THR C 174 -45.41 -16.89 21.55
N SER C 175 -44.99 -17.39 22.72
CA SER C 175 -44.48 -18.75 22.79
C SER C 175 -45.57 -19.76 22.47
N ARG C 176 -46.76 -19.57 23.04
CA ARG C 176 -47.89 -20.44 22.71
C ARG C 176 -48.29 -20.27 21.26
N ASP C 177 -48.07 -19.08 20.69
CA ASP C 177 -48.28 -18.87 19.27
C ASP C 177 -47.21 -19.53 18.40
N ILE C 178 -46.04 -19.91 18.95
CA ILE C 178 -45.02 -20.53 18.12
C ILE C 178 -44.79 -22.03 18.39
N MET C 179 -45.27 -22.54 19.52
CA MET C 179 -45.14 -23.96 19.78
C MET C 179 -45.89 -24.76 18.72
N ASP C 180 -47.07 -24.29 18.33
CA ASP C 180 -47.87 -24.99 17.34
C ASP C 180 -47.21 -25.04 15.97
N LEU C 181 -46.56 -23.94 15.54
CA LEU C 181 -45.76 -23.99 14.32
C LEU C 181 -44.54 -24.89 14.47
N LEU C 182 -43.93 -24.92 15.66
CA LEU C 182 -42.80 -25.81 15.87
C LEU C 182 -43.22 -27.27 15.97
N GLU C 183 -44.49 -27.55 16.30
CA GLU C 183 -44.94 -28.93 16.44
C GLU C 183 -45.52 -29.46 15.14
N ARG C 184 -46.12 -28.60 14.31
CA ARG C 184 -46.76 -29.07 13.09
C ARG C 184 -45.74 -29.53 12.04
N ILE C 185 -44.49 -29.07 12.14
CA ILE C 185 -43.45 -29.58 11.25
C ILE C 185 -42.98 -30.96 11.68
N ASN C 186 -43.28 -31.38 12.91
CA ASN C 186 -42.92 -32.71 13.39
C ASN C 186 -43.92 -33.77 12.96
N ARG C 187 -45.05 -33.37 12.38
CA ARG C 187 -46.06 -34.31 11.95
C ARG C 187 -45.69 -35.04 10.66
N THR C 188 -44.65 -34.59 9.95
CA THR C 188 -44.20 -35.29 8.76
C THR C 188 -43.46 -36.57 9.13
N GLY C 189 -42.70 -36.55 10.22
CA GLY C 189 -41.98 -37.73 10.66
C GLY C 189 -40.61 -37.42 11.23
N THR C 190 -40.09 -36.24 10.93
CA THR C 190 -38.78 -35.83 11.41
C THR C 190 -38.87 -35.42 12.87
N THR C 191 -38.07 -36.05 13.71
CA THR C 191 -38.05 -35.73 15.14
C THR C 191 -37.36 -34.40 15.39
N VAL C 192 -37.63 -33.83 16.56
CA VAL C 192 -37.01 -32.58 16.99
C VAL C 192 -36.65 -32.73 18.46
N LEU C 193 -35.63 -32.00 18.90
CA LEU C 193 -35.14 -32.06 20.27
C LEU C 193 -35.46 -30.73 20.95
N MET C 194 -36.19 -30.80 22.07
CA MET C 194 -36.65 -29.63 22.79
C MET C 194 -35.61 -29.28 23.84
N ALA C 195 -34.95 -28.13 23.68
CA ALA C 195 -33.76 -27.78 24.46
C ALA C 195 -33.94 -26.42 25.11
N THR C 196 -35.07 -26.21 25.77
CA THR C 196 -35.36 -24.95 26.45
C THR C 196 -34.71 -24.91 27.83
N HIS C 197 -35.10 -23.91 28.62
CA HIS C 197 -34.59 -23.79 29.99
C HIS C 197 -35.69 -23.35 30.96
N ASP C 198 -36.96 -23.59 30.65
CA ASP C 198 -38.07 -23.16 31.49
C ASP C 198 -38.85 -24.38 31.98
N HIS C 199 -39.44 -24.26 33.17
CA HIS C 199 -40.32 -25.28 33.71
C HIS C 199 -41.79 -25.02 33.41
N HIS C 200 -42.10 -23.93 32.70
CA HIS C 200 -43.48 -23.63 32.34
C HIS C 200 -43.91 -24.38 31.07
N ILE C 201 -42.99 -25.14 30.46
CA ILE C 201 -43.26 -25.84 29.21
C ILE C 201 -43.57 -27.32 29.42
N VAL C 202 -43.10 -27.92 30.51
CA VAL C 202 -43.14 -29.38 30.66
C VAL C 202 -44.57 -29.85 30.91
N ASP C 203 -45.33 -29.09 31.68
CA ASP C 203 -46.75 -29.41 31.88
C ASP C 203 -47.59 -29.16 30.63
N SER C 204 -47.14 -28.24 29.77
CA SER C 204 -47.93 -27.84 28.62
C SER C 204 -47.94 -28.88 27.50
N MET C 205 -46.86 -29.64 27.33
CA MET C 205 -46.75 -30.60 26.23
C MET C 205 -46.85 -32.05 26.69
N ARG C 206 -46.22 -32.38 27.82
CA ARG C 206 -46.22 -33.73 28.42
C ARG C 206 -45.65 -34.77 27.45
N GLN C 207 -44.37 -34.62 27.15
CA GLN C 207 -43.65 -35.49 26.24
C GLN C 207 -42.42 -36.06 26.95
N ARG C 208 -41.50 -36.63 26.17
CA ARG C 208 -40.30 -37.25 26.73
C ARG C 208 -39.41 -36.19 27.36
N VAL C 209 -38.95 -36.46 28.59
CA VAL C 209 -38.18 -35.51 29.38
C VAL C 209 -36.85 -36.16 29.73
N VAL C 210 -35.75 -35.49 29.37
CA VAL C 210 -34.41 -35.85 29.80
C VAL C 210 -33.82 -34.64 30.50
N GLU C 211 -33.35 -34.82 31.74
CA GLU C 211 -32.75 -33.75 32.51
C GLU C 211 -31.32 -34.11 32.87
N LEU C 212 -30.41 -33.15 32.73
CA LEU C 212 -29.00 -33.35 33.02
C LEU C 212 -28.58 -32.50 34.19
N SER C 213 -27.71 -33.05 35.05
CA SER C 213 -27.16 -32.35 36.20
C SER C 213 -25.64 -32.47 36.13
N LEU C 214 -25.01 -31.54 35.42
CA LEU C 214 -23.55 -31.42 35.29
C LEU C 214 -22.94 -32.70 34.70
N GLY C 215 -23.53 -33.18 33.61
CA GLY C 215 -23.07 -34.38 32.96
C GLY C 215 -23.73 -35.67 33.43
N ARG C 216 -24.56 -35.60 34.46
CA ARG C 216 -25.27 -36.76 34.99
C ARG C 216 -26.77 -36.56 34.81
N LEU C 217 -27.47 -37.67 34.59
CA LEU C 217 -28.91 -37.64 34.30
C LEU C 217 -29.68 -37.23 35.55
N VAL C 218 -30.20 -36.01 35.56
CA VAL C 218 -31.00 -35.54 36.69
C VAL C 218 -32.35 -36.24 36.72
N ARG C 219 -33.00 -36.34 35.57
CA ARG C 219 -34.33 -36.95 35.48
C ARG C 219 -34.53 -37.48 34.06
N ASP C 220 -34.99 -38.73 33.97
CA ASP C 220 -35.23 -39.35 32.68
C ASP C 220 -36.33 -40.40 32.85
N GLU C 221 -37.52 -40.10 32.36
CA GLU C 221 -38.64 -41.03 32.41
C GLU C 221 -39.39 -41.16 31.09
N GLN C 222 -39.21 -40.23 30.15
CA GLN C 222 -39.69 -40.28 28.77
C GLN C 222 -41.22 -40.36 28.65
N ARG C 223 -41.96 -39.91 29.67
CA ARG C 223 -43.41 -39.96 29.62
C ARG C 223 -43.98 -38.91 30.55
N GLY C 224 -45.07 -38.27 30.11
CA GLY C 224 -45.78 -37.33 30.96
C GLY C 224 -45.01 -36.02 31.15
N VAL C 225 -45.29 -35.39 32.28
CA VAL C 225 -44.67 -34.11 32.62
C VAL C 225 -43.25 -34.33 33.14
N MET D 1 -6.80 10.71 36.65
CA MET D 1 -5.58 10.49 35.88
C MET D 1 -5.19 9.02 35.91
N ARG D 2 -4.42 8.64 36.94
CA ARG D 2 -3.91 7.28 37.19
C ARG D 2 -3.09 6.79 36.00
N PHE D 3 -1.95 7.47 35.81
CA PHE D 3 -1.04 7.16 34.71
C PHE D 3 -0.37 5.80 34.86
N GLY D 4 -0.28 5.26 36.08
CA GLY D 4 0.32 3.95 36.28
C GLY D 4 -0.51 2.80 35.76
N PHE D 5 -1.83 2.99 35.64
CA PHE D 5 -2.69 1.94 35.14
C PHE D 5 -2.58 1.76 33.63
N LEU D 6 -2.15 2.79 32.89
CA LEU D 6 -2.18 2.77 31.44
C LEU D 6 -1.16 1.83 30.82
N LEU D 7 -0.21 1.30 31.59
CA LEU D 7 0.88 0.51 31.04
C LEU D 7 0.61 -0.99 31.00
N ASN D 8 -0.48 -1.46 31.61
CA ASN D 8 -0.71 -2.90 31.71
C ASN D 8 -1.63 -3.45 30.61
N GLU D 9 -2.46 -2.60 30.00
CA GLU D 9 -3.38 -3.05 28.97
C GLU D 9 -2.84 -2.85 27.55
N VAL D 10 -1.77 -2.08 27.39
CA VAL D 10 -1.17 -1.92 26.08
C VAL D 10 -0.48 -3.23 25.64
N LEU D 11 0.09 -3.97 26.58
CA LEU D 11 0.64 -5.29 26.25
C LEU D 11 -0.46 -6.29 25.94
N THR D 12 -1.62 -6.16 26.59
CA THR D 12 -2.76 -7.00 26.25
C THR D 12 -3.27 -6.70 24.85
N GLY D 13 -3.31 -5.43 24.46
CA GLY D 13 -3.67 -5.09 23.10
C GLY D 13 -2.65 -5.53 22.07
N PHE D 14 -1.37 -5.54 22.45
CA PHE D 14 -0.33 -6.02 21.55
C PHE D 14 -0.42 -7.54 21.38
N ARG D 15 -0.64 -8.28 22.47
CA ARG D 15 -0.69 -9.73 22.39
C ARG D 15 -1.99 -10.22 21.77
N ARG D 16 -3.09 -9.49 21.93
CA ARG D 16 -4.34 -9.88 21.31
C ARG D 16 -4.36 -9.60 19.82
N ASN D 17 -3.48 -8.73 19.33
CA ASN D 17 -3.40 -8.35 17.93
C ASN D 17 -1.98 -8.57 17.41
N VAL D 18 -1.42 -9.74 17.70
CA VAL D 18 -0.04 -10.04 17.34
C VAL D 18 0.12 -10.21 15.83
N THR D 19 -0.86 -10.80 15.15
CA THR D 19 -0.80 -11.00 13.71
C THR D 19 -1.40 -9.83 12.93
N MET D 20 -1.65 -8.71 13.58
CA MET D 20 -2.35 -7.57 12.99
C MET D 20 -1.52 -6.30 13.02
N THR D 21 -0.86 -5.99 14.14
CA THR D 21 -0.16 -4.72 14.28
C THR D 21 1.17 -4.70 13.53
N ILE D 22 1.73 -5.88 13.25
CA ILE D 22 3.12 -5.97 12.78
C ILE D 22 3.29 -5.41 11.37
N ALA D 23 2.31 -5.63 10.49
CA ALA D 23 2.40 -5.13 9.12
C ALA D 23 2.34 -3.60 9.08
N MET D 24 1.45 -3.02 9.87
CA MET D 24 1.32 -1.56 9.84
C MET D 24 2.48 -0.87 10.56
N ILE D 25 3.00 -1.47 11.63
CA ILE D 25 4.17 -0.86 12.28
C ILE D 25 5.43 -1.03 11.41
N LEU D 26 5.44 -2.02 10.53
CA LEU D 26 6.58 -2.21 9.64
C LEU D 26 6.50 -1.29 8.41
N THR D 27 5.28 -1.03 7.93
CA THR D 27 5.11 -0.21 6.75
C THR D 27 5.07 1.29 7.05
N THR D 28 4.77 1.68 8.30
CA THR D 28 4.91 3.10 8.62
C THR D 28 6.38 3.53 8.67
N ALA D 29 7.28 2.57 8.97
CA ALA D 29 8.70 2.83 8.90
C ALA D 29 9.15 3.10 7.48
N ILE D 30 8.65 2.31 6.52
CA ILE D 30 8.99 2.52 5.12
C ILE D 30 8.35 3.80 4.60
N SER D 31 7.14 4.12 5.09
CA SER D 31 6.47 5.35 4.69
C SER D 31 7.23 6.60 5.13
N VAL D 32 7.75 6.60 6.37
CA VAL D 32 8.55 7.74 6.77
C VAL D 32 9.98 7.66 6.22
N GLY D 33 10.46 6.45 5.88
CA GLY D 33 11.82 6.32 5.38
C GLY D 33 11.95 6.75 3.94
N LEU D 34 10.87 6.67 3.16
CA LEU D 34 10.90 7.23 1.81
C LEU D 34 11.08 8.75 1.86
N PHE D 35 10.35 9.42 2.77
CA PHE D 35 10.51 10.86 2.96
C PHE D 35 11.89 11.20 3.51
N GLY D 36 12.39 10.38 4.43
CA GLY D 36 13.73 10.61 4.97
C GLY D 36 14.82 10.45 3.93
N GLY D 37 14.70 9.43 3.07
CA GLY D 37 15.65 9.26 1.99
C GLY D 37 15.56 10.36 0.96
N GLY D 38 14.35 10.84 0.68
CA GLY D 38 14.20 11.97 -0.23
C GLY D 38 14.81 13.26 0.31
N MET D 39 14.63 13.51 1.60
CA MET D 39 15.26 14.67 2.22
C MET D 39 16.78 14.53 2.26
N LEU D 40 17.27 13.32 2.50
CA LEU D 40 18.71 13.06 2.47
C LEU D 40 19.29 13.31 1.08
N VAL D 41 18.61 12.83 0.04
CA VAL D 41 19.18 13.01 -1.30
C VAL D 41 19.00 14.43 -1.82
N VAL D 42 17.98 15.18 -1.39
CA VAL D 42 17.96 16.58 -1.79
C VAL D 42 18.98 17.42 -1.02
N ARG D 43 19.26 17.05 0.25
CA ARG D 43 20.33 17.71 0.98
C ARG D 43 21.70 17.41 0.36
N LEU D 44 21.92 16.17 -0.07
CA LEU D 44 23.14 15.84 -0.79
C LEU D 44 23.20 16.53 -2.14
N ALA D 45 22.05 16.70 -2.81
CA ALA D 45 22.02 17.33 -4.12
C ALA D 45 22.38 18.81 -4.05
N ASP D 46 21.82 19.55 -3.08
CA ASP D 46 22.19 20.96 -3.01
C ASP D 46 23.42 21.21 -2.13
N SER D 47 23.98 20.17 -1.51
CA SER D 47 25.28 20.31 -0.85
C SER D 47 26.42 19.96 -1.79
N SER D 48 26.17 19.14 -2.81
CA SER D 48 27.21 18.80 -3.77
C SER D 48 27.57 19.96 -4.70
N ARG D 49 26.68 20.95 -4.82
CA ARG D 49 26.99 22.14 -5.59
C ARG D 49 28.02 23.04 -4.92
N ALA D 50 28.25 22.87 -3.62
CA ALA D 50 29.17 23.71 -2.86
C ALA D 50 30.63 23.48 -3.23
N ILE D 51 30.95 22.39 -3.94
CA ILE D 51 32.32 22.17 -4.40
C ILE D 51 32.71 23.08 -5.56
N TYR D 52 31.74 23.76 -6.18
CA TYR D 52 32.00 24.73 -7.21
C TYR D 52 31.28 26.05 -6.99
N LEU D 53 30.37 26.13 -6.00
CA LEU D 53 29.64 27.36 -5.74
C LEU D 53 30.55 28.48 -5.23
N ASP D 54 31.64 28.12 -4.53
CA ASP D 54 32.60 29.12 -4.11
C ASP D 54 33.45 29.62 -5.27
N ARG D 55 33.56 28.84 -6.34
CA ARG D 55 34.40 29.16 -7.49
C ARG D 55 33.57 29.26 -8.76
N VAL D 56 32.43 29.94 -8.70
CA VAL D 56 31.60 30.13 -9.89
C VAL D 56 32.20 31.24 -10.73
N GLU D 57 32.56 30.91 -11.96
CA GLU D 57 33.03 31.87 -12.95
C GLU D 57 31.96 32.04 -14.02
N SER D 58 32.33 32.75 -15.09
CA SER D 58 31.51 32.84 -16.28
C SER D 58 32.45 33.08 -17.47
N GLN D 59 31.87 33.41 -18.62
CA GLN D 59 32.64 33.62 -19.84
C GLN D 59 31.84 34.47 -20.81
N VAL D 60 32.54 35.00 -21.81
CA VAL D 60 31.92 35.53 -23.02
C VAL D 60 32.66 34.91 -24.19
N PHE D 61 31.92 34.24 -25.07
CA PHE D 61 32.51 33.66 -26.28
C PHE D 61 32.13 34.51 -27.47
N LEU D 62 33.13 35.00 -28.18
CA LEU D 62 32.96 35.98 -29.24
C LEU D 62 33.05 35.33 -30.61
N THR D 63 32.48 36.03 -31.60
CA THR D 63 32.34 35.52 -32.96
C THR D 63 33.71 35.38 -33.62
N GLU D 64 33.87 34.33 -34.44
CA GLU D 64 35.15 33.91 -35.01
C GLU D 64 35.76 34.93 -35.98
N ASP D 65 35.00 35.93 -36.43
CA ASP D 65 35.53 36.93 -37.36
C ASP D 65 36.61 37.79 -36.71
N VAL D 66 36.52 38.01 -35.40
CA VAL D 66 37.49 38.81 -34.67
C VAL D 66 38.32 37.94 -33.73
N SER D 67 38.34 36.62 -33.96
CA SER D 67 39.24 35.73 -33.24
C SER D 67 40.19 34.99 -34.17
N ALA D 68 39.70 34.49 -35.31
CA ALA D 68 40.59 33.86 -36.27
C ALA D 68 41.42 34.88 -37.04
N ASN D 69 40.98 36.13 -37.07
CA ASN D 69 41.74 37.17 -37.77
C ASN D 69 42.99 37.58 -36.99
N ASP D 70 42.87 37.73 -35.68
CA ASP D 70 43.95 38.22 -34.85
C ASP D 70 44.12 37.34 -33.62
N SER D 71 45.38 37.04 -33.29
CA SER D 71 45.66 36.26 -32.08
C SER D 71 45.37 37.05 -30.82
N SER D 72 46.04 38.20 -30.67
CA SER D 72 45.84 39.07 -29.53
C SER D 72 44.66 40.01 -29.79
N CYS D 73 44.47 41.00 -28.93
CA CYS D 73 43.37 41.94 -29.03
C CYS D 73 43.90 43.25 -29.60
N ASP D 74 43.65 43.50 -30.89
CA ASP D 74 44.04 44.75 -31.51
C ASP D 74 42.98 45.29 -32.46
N THR D 75 41.72 44.88 -32.27
CA THR D 75 40.62 45.34 -33.10
C THR D 75 39.62 46.12 -32.25
N THR D 76 38.89 47.03 -32.88
CA THR D 76 37.91 47.85 -32.17
C THR D 76 36.70 47.04 -31.72
N ALA D 77 36.41 45.90 -32.38
CA ALA D 77 35.37 45.01 -31.89
C ALA D 77 35.79 44.33 -30.60
N CYS D 78 37.06 43.96 -30.49
CA CYS D 78 37.57 43.40 -29.24
C CYS D 78 37.71 44.48 -28.17
N LYS D 79 38.08 45.70 -28.58
CA LYS D 79 38.21 46.79 -27.62
C LYS D 79 36.86 47.29 -27.13
N ALA D 80 35.78 47.06 -27.89
CA ALA D 80 34.45 47.40 -27.39
C ALA D 80 34.02 46.45 -26.27
N LEU D 81 34.47 45.20 -26.31
CA LEU D 81 34.15 44.23 -25.27
C LEU D 81 34.87 44.50 -23.96
N ARG D 82 35.90 45.34 -23.95
CA ARG D 82 36.54 45.73 -22.70
C ARG D 82 35.63 46.58 -21.84
N GLU D 83 34.72 47.33 -22.46
CA GLU D 83 33.84 48.25 -21.74
C GLU D 83 32.37 47.85 -21.76
N LYS D 84 31.90 47.22 -22.83
CA LYS D 84 30.48 46.91 -22.93
C LYS D 84 30.07 45.69 -22.12
N ILE D 85 31.02 44.92 -21.61
CA ILE D 85 30.71 43.75 -20.79
C ILE D 85 31.02 44.09 -19.34
N GLU D 86 32.03 44.93 -19.14
CA GLU D 86 32.44 45.33 -17.80
C GLU D 86 31.43 46.25 -17.10
N THR D 87 30.47 46.81 -17.84
CA THR D 87 29.40 47.62 -17.24
C THR D 87 28.23 46.70 -16.83
N ARG D 88 28.52 45.84 -15.86
CA ARG D 88 27.55 44.88 -15.36
C ARG D 88 27.70 44.76 -13.85
N SER D 89 26.63 44.31 -13.20
CA SER D 89 26.63 44.17 -11.75
C SER D 89 27.38 42.95 -11.27
N ASP D 90 27.56 41.95 -12.13
CA ASP D 90 28.14 40.68 -11.71
C ASP D 90 29.46 40.38 -12.41
N VAL D 91 30.32 41.39 -12.54
CA VAL D 91 31.62 41.24 -13.18
C VAL D 91 32.70 41.57 -12.13
N LYS D 92 33.77 40.76 -12.11
CA LYS D 92 34.93 41.03 -11.27
C LYS D 92 36.11 41.50 -12.11
N ALA D 93 36.50 40.70 -13.11
CA ALA D 93 37.62 41.04 -13.99
C ALA D 93 37.43 40.28 -15.30
N VAL D 94 37.78 40.92 -16.40
CA VAL D 94 37.70 40.29 -17.72
C VAL D 94 39.10 39.81 -18.11
N ARG D 95 39.14 38.67 -18.80
CA ARG D 95 40.39 38.09 -19.28
C ARG D 95 40.21 37.67 -20.73
N PHE D 96 41.14 38.10 -21.58
CA PHE D 96 41.07 37.81 -23.02
C PHE D 96 42.04 36.67 -23.32
N LEU D 97 41.51 35.45 -23.39
CA LEU D 97 42.31 34.31 -23.81
C LEU D 97 42.26 34.19 -25.33
N ASN D 98 43.43 33.96 -25.92
CA ASN D 98 43.53 33.84 -27.37
C ASN D 98 43.01 32.47 -27.81
N ARG D 99 42.89 32.30 -29.13
CA ARG D 99 42.62 30.98 -29.68
C ARG D 99 43.78 30.03 -29.40
N GLN D 100 45.01 30.52 -29.51
CA GLN D 100 46.18 29.73 -29.14
C GLN D 100 46.21 29.44 -27.64
N GLN D 101 45.89 30.45 -26.82
CA GLN D 101 45.98 30.29 -25.37
C GLN D 101 44.94 29.31 -24.85
N ALA D 102 43.68 29.51 -25.23
CA ALA D 102 42.63 28.59 -24.83
C ALA D 102 42.76 27.23 -25.53
N TYR D 103 43.36 27.21 -26.73
CA TYR D 103 43.61 25.94 -27.40
C TYR D 103 44.66 25.12 -26.64
N ASP D 104 45.73 25.78 -26.17
CA ASP D 104 46.72 25.07 -25.36
C ASP D 104 46.15 24.69 -24.00
N ASP D 105 45.22 25.49 -23.48
CA ASP D 105 44.49 25.11 -22.26
C ASP D 105 43.67 23.84 -22.48
N ALA D 106 43.01 23.74 -23.62
CA ALA D 106 42.24 22.53 -23.94
C ALA D 106 43.14 21.35 -24.23
N ILE D 107 44.32 21.58 -24.81
CA ILE D 107 45.25 20.49 -25.10
C ILE D 107 45.83 19.93 -23.81
N ARG D 108 46.28 20.80 -22.91
CA ARG D 108 46.82 20.32 -21.64
C ARG D 108 45.72 19.85 -20.69
N LYS D 109 44.46 20.25 -20.92
CA LYS D 109 43.35 19.64 -20.20
C LYS D 109 43.12 18.21 -20.63
N PHE D 110 43.07 17.98 -21.96
CA PHE D 110 42.87 16.65 -22.51
C PHE D 110 43.44 16.58 -23.92
N PRO D 111 44.38 15.66 -24.20
CA PRO D 111 44.91 15.52 -25.56
C PRO D 111 43.90 14.92 -26.52
N GLN D 112 42.93 15.71 -26.97
CA GLN D 112 41.87 15.23 -27.84
C GLN D 112 41.91 15.97 -29.17
N PHE D 113 41.64 15.21 -30.24
CA PHE D 113 41.55 15.61 -31.65
C PHE D 113 42.89 16.02 -32.24
N LYS D 114 43.10 15.72 -33.52
CA LYS D 114 44.35 16.01 -34.21
C LYS D 114 44.18 16.97 -35.39
N ASP D 115 43.25 16.68 -36.30
CA ASP D 115 43.12 17.49 -37.51
C ASP D 115 42.45 18.82 -37.21
N VAL D 116 41.31 18.79 -36.53
CA VAL D 116 40.53 20.00 -36.30
C VAL D 116 41.09 20.80 -35.13
N ALA D 117 41.88 20.16 -34.26
CA ALA D 117 42.44 20.83 -33.08
C ALA D 117 43.57 21.75 -33.52
N GLY D 118 43.31 23.05 -33.51
CA GLY D 118 44.31 24.03 -33.87
C GLY D 118 43.80 25.45 -33.76
N LYS D 119 44.15 26.30 -34.75
CA LYS D 119 43.62 27.65 -34.79
C LYS D 119 42.12 27.67 -35.05
N ASP D 120 41.65 26.82 -35.96
CA ASP D 120 40.24 26.74 -36.30
C ASP D 120 39.47 25.76 -35.43
N SER D 121 39.98 25.43 -34.24
CA SER D 121 39.29 24.49 -33.37
C SER D 121 38.06 25.12 -32.75
N PHE D 122 38.18 26.35 -32.25
CA PHE D 122 37.12 27.08 -31.56
C PHE D 122 37.57 28.52 -31.39
N PRO D 123 36.63 29.48 -31.34
CA PRO D 123 37.02 30.90 -31.23
C PRO D 123 37.61 31.25 -29.88
N ALA D 124 38.17 32.45 -29.81
CA ALA D 124 38.90 32.90 -28.63
C ALA D 124 37.96 33.16 -27.46
N SER D 125 38.52 33.12 -26.25
CA SER D 125 37.75 33.15 -25.02
C SER D 125 37.91 34.49 -24.33
N PHE D 126 36.78 35.09 -23.93
CA PHE D 126 36.76 36.30 -23.11
C PHE D 126 36.14 35.91 -21.77
N ILE D 127 36.99 35.50 -20.82
CA ILE D 127 36.54 35.00 -19.53
C ILE D 127 36.10 36.17 -18.66
N VAL D 128 34.87 36.11 -18.18
CA VAL D 128 34.29 37.13 -17.30
C VAL D 128 34.07 36.51 -15.93
N LYS D 129 34.75 37.03 -14.92
CA LYS D 129 34.62 36.48 -13.57
C LYS D 129 33.33 36.97 -12.93
N LEU D 130 32.53 36.03 -12.42
CA LEU D 130 31.22 36.33 -11.88
C LEU D 130 31.31 36.73 -10.42
N GLU D 131 30.52 37.74 -10.03
CA GLU D 131 30.51 38.21 -8.65
C GLU D 131 29.76 37.23 -7.75
N ASN D 132 28.47 37.03 -8.02
CA ASN D 132 27.63 36.19 -7.20
C ASN D 132 27.03 35.06 -8.01
N PRO D 133 27.01 33.83 -7.50
CA PRO D 133 26.40 32.72 -8.25
C PRO D 133 24.89 32.76 -8.28
N GLU D 134 24.25 33.46 -7.33
CA GLU D 134 22.80 33.48 -7.26
C GLU D 134 22.18 34.37 -8.34
N GLN D 135 22.96 35.27 -8.93
CA GLN D 135 22.46 36.19 -9.95
C GLN D 135 22.81 35.73 -11.36
N HIS D 136 22.88 34.41 -11.58
CA HIS D 136 23.16 33.92 -12.92
C HIS D 136 21.97 34.02 -13.86
N LYS D 137 20.76 34.14 -13.31
CA LYS D 137 19.57 34.32 -14.14
C LYS D 137 19.61 35.66 -14.88
N ASP D 138 19.97 36.73 -14.18
CA ASP D 138 20.17 38.02 -14.83
C ASP D 138 21.37 37.99 -15.76
N PHE D 139 22.37 37.15 -15.50
CA PHE D 139 23.53 37.06 -16.37
C PHE D 139 23.15 36.43 -17.71
N ASP D 140 22.45 35.29 -17.70
CA ASP D 140 22.14 34.61 -18.94
C ASP D 140 20.83 35.07 -19.57
N THR D 141 20.09 35.98 -18.93
CA THR D 141 18.97 36.64 -19.58
C THR D 141 19.20 38.12 -19.83
N ALA D 142 20.36 38.66 -19.46
CA ALA D 142 20.66 40.06 -19.73
C ALA D 142 21.33 40.26 -21.08
N MET D 143 22.21 39.34 -21.47
CA MET D 143 22.88 39.41 -22.77
C MET D 143 22.26 38.37 -23.68
N LYS D 144 21.99 38.78 -24.92
CA LYS D 144 21.36 37.91 -25.91
C LYS D 144 22.19 37.87 -27.18
N GLY D 145 21.62 37.32 -28.25
CA GLY D 145 22.28 37.28 -29.54
C GLY D 145 22.58 38.66 -30.11
N GLN D 146 23.86 39.02 -30.12
CA GLN D 146 24.32 40.34 -30.49
C GLN D 146 25.44 40.19 -31.51
N PRO D 147 25.68 41.22 -32.33
CA PRO D 147 26.85 41.18 -33.23
C PRO D 147 28.15 41.22 -32.44
N GLY D 148 29.04 40.30 -32.75
CA GLY D 148 30.31 40.15 -32.07
C GLY D 148 30.34 39.02 -31.06
N VAL D 149 29.18 38.52 -30.65
CA VAL D 149 29.07 37.42 -29.69
C VAL D 149 28.17 36.36 -30.33
N LEU D 150 28.72 35.18 -30.60
CA LEU D 150 27.95 34.16 -31.30
C LEU D 150 26.93 33.48 -30.40
N ASP D 151 27.22 33.33 -29.11
CA ASP D 151 26.31 32.68 -28.19
C ASP D 151 26.57 33.21 -26.78
N VAL D 152 25.51 33.22 -25.97
CA VAL D 152 25.62 33.67 -24.59
C VAL D 152 25.30 32.40 -23.80
N LEU D 153 25.67 31.26 -24.37
CA LEU D 153 25.58 30.00 -23.64
C LEU D 153 26.63 29.98 -22.53
N ASN D 154 26.19 29.68 -21.31
CA ASN D 154 27.05 29.70 -20.15
C ASN D 154 27.99 28.50 -20.13
N GLN D 155 28.89 28.49 -19.15
CA GLN D 155 29.82 27.39 -18.98
C GLN D 155 29.95 26.90 -17.55
N LYS D 156 29.27 27.53 -16.59
CA LYS D 156 29.42 27.20 -15.18
C LYS D 156 28.12 26.97 -14.44
N GLU D 157 26.96 27.26 -15.04
CA GLU D 157 25.66 26.90 -14.51
C GLU D 157 25.25 25.51 -15.00
N LEU D 158 26.10 24.88 -15.82
CA LEU D 158 25.73 23.77 -16.68
C LEU D 158 25.86 22.41 -15.99
N ILE D 159 26.29 22.37 -14.74
CA ILE D 159 26.36 21.15 -13.94
C ILE D 159 24.98 20.81 -13.37
N ASP D 160 24.06 21.80 -13.45
CA ASP D 160 22.76 21.67 -12.83
C ASP D 160 21.89 20.66 -13.56
N ARG D 161 21.95 20.58 -14.91
CA ARG D 161 21.11 19.53 -15.48
C ARG D 161 21.84 18.20 -15.40
N LEU D 162 23.14 18.21 -15.13
CA LEU D 162 23.89 16.98 -14.89
C LEU D 162 23.49 16.32 -13.56
N PHE D 163 23.12 17.11 -12.55
CA PHE D 163 22.39 16.53 -11.41
C PHE D 163 20.88 16.73 -11.46
N ALA D 164 20.30 17.18 -12.57
CA ALA D 164 18.84 17.08 -12.69
C ALA D 164 18.36 15.64 -12.76
N VAL D 165 19.21 14.71 -13.23
CA VAL D 165 18.84 13.31 -13.19
C VAL D 165 18.79 12.79 -11.75
N LEU D 166 19.60 13.38 -10.85
CA LEU D 166 19.47 13.06 -9.43
C LEU D 166 18.28 13.79 -8.81
N ASP D 167 18.00 15.00 -9.28
CA ASP D 167 16.88 15.76 -8.75
C ASP D 167 15.57 15.07 -9.09
N GLY D 168 15.47 14.52 -10.30
CA GLY D 168 14.26 13.85 -10.71
C GLY D 168 13.91 12.66 -9.85
N LEU D 169 14.90 11.82 -9.54
CA LEU D 169 14.66 10.71 -8.64
C LEU D 169 14.49 11.17 -7.19
N SER D 170 15.11 12.30 -6.84
CA SER D 170 14.91 12.88 -5.51
C SER D 170 13.47 13.33 -5.30
N ASN D 171 12.89 13.99 -6.30
CA ASN D 171 11.48 14.34 -6.24
C ASN D 171 10.57 13.14 -6.48
N ALA D 172 11.06 12.11 -7.17
CA ALA D 172 10.29 10.88 -7.35
C ALA D 172 10.17 10.10 -6.05
N ALA D 173 11.19 10.17 -5.18
CA ALA D 173 11.08 9.57 -3.85
C ALA D 173 10.00 10.28 -3.04
N PHE D 174 9.93 11.61 -3.13
CA PHE D 174 8.85 12.36 -2.49
C PHE D 174 7.49 12.00 -3.08
N ALA D 175 7.44 11.82 -4.40
CA ALA D 175 6.19 11.43 -5.06
C ALA D 175 5.74 10.04 -4.63
N VAL D 176 6.68 9.10 -4.50
CA VAL D 176 6.35 7.75 -4.04
C VAL D 176 5.87 7.78 -2.59
N ALA D 177 6.51 8.60 -1.75
CA ALA D 177 6.08 8.76 -0.36
C ALA D 177 4.68 9.35 -0.27
N LEU D 178 4.38 10.37 -1.08
CA LEU D 178 3.04 10.95 -1.07
C LEU D 178 1.99 10.03 -1.71
N VAL D 179 2.37 9.18 -2.65
CA VAL D 179 1.42 8.17 -3.16
C VAL D 179 1.09 7.15 -2.07
N GLN D 180 2.12 6.66 -1.36
CA GLN D 180 1.89 5.72 -0.27
C GLN D 180 1.25 6.38 0.95
N ALA D 181 1.25 7.72 1.01
CA ALA D 181 0.70 8.42 2.16
C ALA D 181 -0.80 8.21 2.32
N ILE D 182 -1.56 8.20 1.22
CA ILE D 182 -3.01 8.00 1.31
C ILE D 182 -3.32 6.64 1.93
N GLY D 183 -2.62 5.60 1.48
CA GLY D 183 -2.74 4.30 2.10
C GLY D 183 -2.23 4.28 3.53
N ALA D 184 -1.27 5.13 3.87
CA ALA D 184 -0.75 5.19 5.23
C ALA D 184 -1.79 5.73 6.22
N ILE D 185 -2.43 6.87 5.87
CA ILE D 185 -3.55 7.36 6.68
C ILE D 185 -4.72 6.36 6.68
N LEU D 186 -4.97 5.64 5.58
CA LEU D 186 -6.01 4.60 5.64
C LEU D 186 -5.65 3.45 6.58
N LEU D 187 -4.41 2.97 6.55
CA LEU D 187 -4.03 1.86 7.40
C LEU D 187 -3.82 2.25 8.85
N ILE D 188 -3.70 3.54 9.16
CA ILE D 188 -3.71 3.93 10.56
C ILE D 188 -5.12 4.31 11.01
N ALA D 189 -6.02 4.65 10.07
CA ALA D 189 -7.37 5.04 10.44
C ALA D 189 -8.29 3.84 10.62
N ASN D 190 -8.03 2.73 9.93
CA ASN D 190 -8.88 1.56 10.15
C ASN D 190 -8.51 0.77 11.40
N MET D 191 -7.44 1.16 12.10
CA MET D 191 -7.02 0.49 13.33
C MET D 191 -8.04 0.61 14.45
N VAL D 192 -8.82 1.70 14.48
CA VAL D 192 -9.82 1.85 15.52
C VAL D 192 -11.03 0.93 15.29
N GLN D 193 -11.22 0.44 14.08
CA GLN D 193 -12.31 -0.47 13.77
C GLN D 193 -11.89 -1.93 13.70
N VAL D 194 -10.68 -2.22 13.22
CA VAL D 194 -10.25 -3.61 13.16
C VAL D 194 -9.82 -4.14 14.52
N ALA D 195 -9.59 -3.26 15.50
CA ALA D 195 -9.27 -3.68 16.85
C ALA D 195 -10.45 -3.58 17.80
N ALA D 196 -11.54 -2.93 17.38
CA ALA D 196 -12.73 -2.82 18.23
C ALA D 196 -13.47 -4.13 18.39
N TYR D 197 -13.31 -5.06 17.44
CA TYR D 197 -13.94 -6.37 17.57
C TYR D 197 -13.28 -7.21 18.66
N THR D 198 -11.98 -7.00 18.89
CA THR D 198 -11.30 -7.74 19.95
C THR D 198 -11.70 -7.24 21.33
N ARG D 199 -11.85 -5.93 21.49
CA ARG D 199 -12.18 -5.33 22.77
C ARG D 199 -13.67 -5.08 22.95
N ARG D 200 -14.52 -5.93 22.36
CA ARG D 200 -15.97 -5.80 22.51
C ARG D 200 -16.42 -6.03 23.93
N THR D 201 -15.70 -6.85 24.69
CA THR D 201 -16.09 -7.23 26.04
C THR D 201 -15.83 -6.15 27.07
N GLU D 202 -15.12 -5.08 26.72
CA GLU D 202 -14.76 -4.05 27.69
C GLU D 202 -15.25 -2.66 27.33
N ILE D 203 -15.48 -2.38 26.04
CA ILE D 203 -15.89 -1.04 25.62
C ILE D 203 -17.30 -0.68 26.04
N GLY D 204 -18.15 -1.65 26.34
CA GLY D 204 -19.54 -1.38 26.61
C GLY D 204 -19.85 -0.79 27.98
N ILE D 205 -18.88 -0.77 28.89
CA ILE D 205 -19.16 -0.34 30.25
C ILE D 205 -18.87 1.15 30.42
N MET D 206 -17.93 1.68 29.63
CA MET D 206 -17.66 3.12 29.68
C MET D 206 -18.80 3.96 29.10
N ARG D 207 -19.68 3.37 28.31
CA ARG D 207 -20.81 4.11 27.74
C ARG D 207 -21.89 4.40 28.77
N LEU D 208 -21.83 3.80 29.97
CA LEU D 208 -22.80 4.11 31.01
C LEU D 208 -22.22 4.23 32.40
N VAL D 209 -20.92 4.00 32.61
CA VAL D 209 -20.41 4.00 33.98
C VAL D 209 -20.17 5.40 34.51
N GLY D 210 -19.95 6.38 33.64
CA GLY D 210 -19.55 7.70 34.03
C GLY D 210 -18.13 8.08 33.67
N ALA D 211 -17.46 7.31 32.81
CA ALA D 211 -16.11 7.64 32.40
C ALA D 211 -16.11 8.86 31.49
N SER D 212 -15.09 9.71 31.65
CA SER D 212 -14.97 10.91 30.84
C SER D 212 -14.60 10.56 29.41
N ARG D 213 -15.11 11.37 28.48
CA ARG D 213 -14.85 11.15 27.05
C ARG D 213 -13.39 11.38 26.70
N TRP D 214 -12.69 12.23 27.44
CA TRP D 214 -11.28 12.48 27.19
C TRP D 214 -10.38 11.31 27.59
N TYR D 215 -10.89 10.38 28.40
CA TYR D 215 -10.10 9.25 28.89
C TYR D 215 -10.51 7.92 28.28
N THR D 216 -11.60 7.87 27.51
CA THR D 216 -12.07 6.59 26.97
C THR D 216 -11.20 6.14 25.81
N GLN D 217 -11.03 7.00 24.80
CA GLN D 217 -10.28 6.65 23.60
C GLN D 217 -8.78 6.83 23.77
N LEU D 218 -8.32 7.31 24.92
CA LEU D 218 -6.89 7.48 25.15
C LEU D 218 -6.08 6.18 25.11
N PRO D 219 -6.52 5.03 25.66
CA PRO D 219 -5.82 3.78 25.33
C PRO D 219 -5.85 3.41 23.85
N PHE D 220 -6.93 3.77 23.14
CA PHE D 220 -6.93 3.57 21.70
C PHE D 220 -6.05 4.59 20.98
N LEU D 221 -5.92 5.78 21.56
CA LEU D 221 -5.13 6.83 20.93
C LEU D 221 -3.63 6.62 21.10
N VAL D 222 -3.20 6.08 22.25
CA VAL D 222 -1.78 5.95 22.55
C VAL D 222 -1.09 4.90 21.68
N GLU D 223 -1.85 3.90 21.19
CA GLU D 223 -1.28 2.81 20.42
C GLU D 223 -0.71 3.28 19.09
N ALA D 224 -1.44 4.17 18.41
CA ALA D 224 -0.99 4.69 17.12
C ALA D 224 0.27 5.52 17.26
N MET D 225 0.36 6.36 18.29
CA MET D 225 1.55 7.19 18.42
C MET D 225 2.76 6.41 18.93
N LEU D 226 2.57 5.39 19.79
CA LEU D 226 3.71 4.56 20.15
C LEU D 226 4.18 3.73 18.96
N ALA D 227 3.23 3.28 18.14
CA ALA D 227 3.57 2.56 16.92
C ALA D 227 4.34 3.44 15.94
N ALA D 228 3.95 4.72 15.82
CA ALA D 228 4.66 5.63 14.94
C ALA D 228 6.05 5.97 15.45
N THR D 229 6.20 6.12 16.77
CA THR D 229 7.52 6.41 17.32
C THR D 229 8.47 5.23 17.16
N MET D 230 8.00 4.00 17.40
CA MET D 230 8.89 2.88 17.17
C MET D 230 9.07 2.61 15.67
N GLY D 231 8.11 3.03 14.85
CA GLY D 231 8.30 2.95 13.41
C GLY D 231 9.39 3.87 12.90
N VAL D 232 9.44 5.11 13.38
CA VAL D 232 10.53 5.98 12.96
C VAL D 232 11.84 5.55 13.61
N GLY D 233 11.77 4.93 14.80
CA GLY D 233 12.97 4.40 15.43
C GLY D 233 13.59 3.23 14.69
N ILE D 234 12.75 2.36 14.12
CA ILE D 234 13.30 1.27 13.30
C ILE D 234 13.58 1.77 11.89
N ALA D 235 12.94 2.85 11.45
CA ALA D 235 13.18 3.40 10.12
C ALA D 235 14.54 4.06 10.03
N VAL D 236 14.96 4.77 11.09
CA VAL D 236 16.28 5.39 11.05
C VAL D 236 17.38 4.32 11.10
N ALA D 237 17.13 3.20 11.79
CA ALA D 237 18.06 2.08 11.75
C ALA D 237 18.07 1.40 10.38
N GLY D 238 16.92 1.37 9.70
CA GLY D 238 16.89 0.87 8.33
C GLY D 238 17.68 1.75 7.37
N LEU D 239 17.60 3.06 7.55
CA LEU D 239 18.44 3.97 6.76
C LEU D 239 19.93 3.79 7.09
N MET D 240 20.26 3.55 8.36
CA MET D 240 21.64 3.23 8.74
C MET D 240 22.12 1.95 8.06
N VAL D 241 21.31 0.90 8.06
CA VAL D 241 21.79 -0.37 7.52
C VAL D 241 21.81 -0.35 5.99
N VAL D 242 20.94 0.43 5.34
CA VAL D 242 21.02 0.52 3.88
C VAL D 242 22.14 1.48 3.47
N ARG D 243 22.53 2.43 4.34
CA ARG D 243 23.68 3.25 4.05
C ARG D 243 24.98 2.48 4.23
N ALA D 244 25.06 1.67 5.30
CA ALA D 244 26.27 0.94 5.62
C ALA D 244 26.41 -0.36 4.84
N LEU D 245 25.35 -0.86 4.21
CA LEU D 245 25.42 -2.10 3.45
C LEU D 245 25.44 -1.88 1.94
N PHE D 246 24.55 -1.04 1.42
CA PHE D 246 24.40 -0.88 -0.02
C PHE D 246 24.72 0.53 -0.50
N LEU D 247 25.27 1.39 0.37
CA LEU D 247 25.60 2.76 -0.04
C LEU D 247 26.98 3.18 0.45
N GLU D 248 27.96 2.28 0.43
CA GLU D 248 29.30 2.63 0.90
C GLU D 248 30.32 2.75 -0.23
N ASN D 249 30.34 1.78 -1.15
CA ASN D 249 31.39 1.72 -2.16
C ASN D 249 31.27 2.87 -3.17
N ALA D 250 30.06 3.12 -3.67
CA ALA D 250 29.86 4.21 -4.62
C ALA D 250 30.05 5.56 -3.95
N LEU D 251 29.65 5.68 -2.68
CA LEU D 251 29.85 6.91 -1.92
C LEU D 251 31.33 7.20 -1.72
N ASN D 252 32.12 6.16 -1.41
CA ASN D 252 33.56 6.34 -1.25
C ASN D 252 34.24 6.65 -2.58
N GLN D 253 33.80 6.02 -3.67
CA GLN D 253 34.38 6.29 -4.98
C GLN D 253 34.05 7.69 -5.48
N PHE D 254 32.87 8.23 -5.14
CA PHE D 254 32.57 9.61 -5.51
C PHE D 254 33.16 10.63 -4.55
N TYR D 255 33.37 10.26 -3.28
CA TYR D 255 34.03 11.17 -2.35
C TYR D 255 35.53 11.26 -2.62
N GLN D 256 36.13 10.18 -3.11
CA GLN D 256 37.50 10.25 -3.61
C GLN D 256 37.60 11.09 -4.87
N ALA D 257 36.52 11.18 -5.66
CA ALA D 257 36.42 12.11 -6.77
C ALA D 257 35.94 13.48 -6.33
N ASN D 258 35.71 13.68 -5.02
CA ASN D 258 35.23 14.89 -4.33
C ASN D 258 34.10 15.63 -5.03
N LEU D 259 33.17 14.88 -5.64
CA LEU D 259 32.01 15.50 -6.26
C LEU D 259 30.84 15.67 -5.31
N ILE D 260 30.94 15.13 -4.09
CA ILE D 260 29.86 15.19 -3.11
C ILE D 260 30.41 15.75 -1.80
N ALA D 261 29.49 16.28 -0.98
CA ALA D 261 29.83 16.82 0.32
C ALA D 261 29.84 15.76 1.41
N LYS D 262 29.41 14.52 1.10
CA LYS D 262 29.43 13.30 1.91
C LYS D 262 28.47 13.35 3.09
N VAL D 263 27.88 12.20 3.42
CA VAL D 263 26.98 12.07 4.56
C VAL D 263 27.56 11.05 5.52
N ASP D 264 27.14 11.15 6.78
CA ASP D 264 27.54 10.22 7.83
C ASP D 264 26.34 9.95 8.70
N TYR D 265 26.59 9.39 9.90
CA TYR D 265 25.51 9.14 10.85
C TYR D 265 24.91 10.45 11.36
N ALA D 266 25.76 11.44 11.64
CA ALA D 266 25.29 12.70 12.21
C ALA D 266 24.50 13.52 11.19
N ASP D 267 24.86 13.43 9.91
CA ASP D 267 24.12 14.16 8.88
C ASP D 267 22.70 13.60 8.70
N ILE D 268 22.56 12.27 8.68
CA ILE D 268 21.24 11.68 8.57
C ILE D 268 20.43 11.91 9.85
N LEU D 269 21.08 11.83 11.02
CA LEU D 269 20.39 12.12 12.27
C LEU D 269 20.12 13.61 12.49
N PHE D 270 20.65 14.50 11.64
CA PHE D 270 20.33 15.92 11.79
C PHE D 270 18.87 16.22 11.42
N ILE D 271 18.35 15.56 10.38
CA ILE D 271 16.97 15.81 9.95
C ILE D 271 15.97 15.18 10.92
N THR D 272 16.39 14.14 11.65
CA THR D 272 15.47 13.29 12.41
C THR D 272 14.54 13.96 13.43
N PRO D 273 14.89 15.06 14.14
CA PRO D 273 13.87 15.75 14.94
C PRO D 273 12.69 16.29 14.14
N TRP D 274 12.89 16.68 12.88
CA TRP D 274 11.76 17.11 12.06
C TRP D 274 10.87 15.94 11.67
N LEU D 275 11.47 14.82 11.25
CA LEU D 275 10.65 13.71 10.78
C LEU D 275 9.96 12.97 11.91
N LEU D 276 10.52 13.00 13.12
CA LEU D 276 9.84 12.37 14.25
C LEU D 276 8.57 13.13 14.61
N LEU D 277 8.63 14.46 14.61
CA LEU D 277 7.43 15.25 14.91
C LEU D 277 6.44 15.19 13.77
N LEU D 278 6.93 15.11 12.52
CA LEU D 278 6.04 14.93 11.37
C LEU D 278 5.30 13.59 11.44
N GLY D 279 6.02 12.52 11.81
CA GLY D 279 5.39 11.21 11.92
C GLY D 279 4.40 11.13 13.06
N VAL D 280 4.73 11.72 14.21
CA VAL D 280 3.79 11.67 15.33
C VAL D 280 2.61 12.61 15.07
N ALA D 281 2.79 13.66 14.25
CA ALA D 281 1.66 14.50 13.87
C ALA D 281 0.70 13.77 12.94
N MET D 282 1.25 13.11 11.90
CA MET D 282 0.39 12.36 10.99
C MET D 282 -0.17 11.11 11.63
N SER D 283 0.39 10.65 12.74
CA SER D 283 -0.25 9.61 13.53
C SER D 283 -1.39 10.18 14.36
N GLY D 284 -1.09 11.17 15.19
CA GLY D 284 -2.02 11.71 16.17
C GLY D 284 -3.23 12.41 15.61
N LEU D 285 -3.06 13.24 14.58
CA LEU D 285 -4.19 13.95 14.00
C LEU D 285 -5.17 13.00 13.34
N THR D 286 -4.65 12.01 12.61
CA THR D 286 -5.52 11.02 11.96
C THR D 286 -6.18 10.10 12.97
N ALA D 287 -5.46 9.69 14.01
CA ALA D 287 -6.04 8.85 15.05
C ALA D 287 -7.07 9.60 15.86
N TYR D 288 -6.90 10.92 16.04
CA TYR D 288 -7.88 11.71 16.74
C TYR D 288 -9.12 11.97 15.90
N LEU D 289 -8.97 12.12 14.57
CA LEU D 289 -10.15 12.33 13.75
C LEU D 289 -10.94 11.04 13.52
N THR D 290 -10.27 9.88 13.45
CA THR D 290 -10.99 8.67 13.11
C THR D 290 -11.84 8.12 14.25
N LEU D 291 -11.58 8.51 15.50
CA LEU D 291 -12.31 7.94 16.62
C LEU D 291 -13.73 8.49 16.72
N ARG D 292 -13.93 9.76 16.39
CA ARG D 292 -15.26 10.35 16.45
C ARG D 292 -16.14 9.83 15.32
N LEU D 293 -15.57 9.69 14.12
CA LEU D 293 -16.35 9.20 12.98
C LEU D 293 -16.60 7.70 13.07
N TYR D 294 -15.59 6.93 13.47
CA TYR D 294 -15.77 5.48 13.57
C TYR D 294 -16.61 5.10 14.78
N VAL D 295 -16.36 5.73 15.92
CA VAL D 295 -17.12 5.44 17.13
C VAL D 295 -17.65 6.74 17.72
N MET E 1 -19.99 -24.31 -9.17
CA MET E 1 -20.93 -24.10 -10.27
C MET E 1 -20.72 -22.72 -10.91
N ARG E 2 -21.79 -22.15 -11.48
CA ARG E 2 -21.66 -20.99 -12.35
C ARG E 2 -21.28 -19.73 -11.56
N PHE E 3 -20.37 -18.95 -12.13
CA PHE E 3 -19.82 -17.79 -11.42
C PHE E 3 -20.74 -16.57 -11.46
N GLY E 4 -21.86 -16.64 -12.20
CA GLY E 4 -22.78 -15.51 -12.25
C GLY E 4 -23.48 -15.25 -10.93
N PHE E 5 -23.86 -16.31 -10.22
CA PHE E 5 -24.44 -16.18 -8.89
C PHE E 5 -23.39 -16.09 -7.80
N LEU E 6 -22.10 -16.10 -8.16
CA LEU E 6 -21.02 -15.85 -7.23
C LEU E 6 -20.44 -14.46 -7.36
N LEU E 7 -20.62 -13.81 -8.52
CA LEU E 7 -20.10 -12.46 -8.70
C LEU E 7 -21.02 -11.41 -8.08
N ASN E 8 -22.26 -11.77 -7.77
CA ASN E 8 -23.22 -10.76 -7.33
C ASN E 8 -23.11 -10.43 -5.84
N GLU E 9 -22.38 -11.22 -5.06
CA GLU E 9 -22.21 -10.90 -3.64
C GLU E 9 -20.88 -10.23 -3.33
N VAL E 10 -19.86 -10.41 -4.17
CA VAL E 10 -18.55 -9.85 -3.86
C VAL E 10 -18.55 -8.33 -4.06
N LEU E 11 -19.32 -7.83 -5.02
CA LEU E 11 -19.42 -6.39 -5.21
C LEU E 11 -20.15 -5.73 -4.03
N THR E 12 -21.15 -6.42 -3.47
CA THR E 12 -21.77 -5.96 -2.24
C THR E 12 -20.79 -6.00 -1.07
N GLY E 13 -19.91 -7.01 -1.06
CA GLY E 13 -18.88 -7.10 -0.03
C GLY E 13 -17.89 -5.94 -0.07
N PHE E 14 -17.49 -5.52 -1.27
CA PHE E 14 -16.71 -4.28 -1.37
C PHE E 14 -17.56 -3.05 -1.11
N ARG E 15 -18.88 -3.14 -1.32
CA ARG E 15 -19.75 -1.97 -1.14
C ARG E 15 -20.01 -1.65 0.34
N ARG E 16 -20.03 -2.66 1.21
CA ARG E 16 -20.36 -2.42 2.62
C ARG E 16 -19.29 -1.58 3.33
N ASN E 17 -18.01 -1.88 3.08
CA ASN E 17 -16.93 -1.09 3.66
C ASN E 17 -16.00 -0.60 2.55
N VAL E 18 -15.69 0.69 2.57
CA VAL E 18 -14.92 1.31 1.49
C VAL E 18 -13.72 2.05 2.08
N THR E 19 -13.73 2.26 3.39
CA THR E 19 -12.63 2.97 4.05
C THR E 19 -11.46 2.06 4.36
N MET E 20 -11.55 0.76 4.06
CA MET E 20 -10.49 -0.18 4.36
C MET E 20 -10.16 -0.94 3.09
N THR E 21 -11.17 -1.18 2.25
CA THR E 21 -11.00 -2.07 1.10
C THR E 21 -10.14 -1.45 -0.01
N ILE E 22 -9.96 -0.14 0.00
CA ILE E 22 -9.22 0.52 -1.09
C ILE E 22 -7.73 0.66 -0.79
N ALA E 23 -7.32 0.49 0.48
CA ALA E 23 -5.95 0.80 0.88
C ALA E 23 -4.93 -0.21 0.36
N MET E 24 -5.32 -1.47 0.17
CA MET E 24 -4.38 -2.54 -0.17
C MET E 24 -3.81 -2.42 -1.57
N ILE E 25 -4.57 -1.80 -2.48
CA ILE E 25 -4.24 -1.81 -3.90
C ILE E 25 -2.98 -0.99 -4.16
N LEU E 26 -2.88 0.19 -3.54
CA LEU E 26 -1.70 1.03 -3.76
C LEU E 26 -0.46 0.45 -3.09
N THR E 27 -0.63 -0.24 -1.97
CA THR E 27 0.49 -0.86 -1.30
C THR E 27 1.06 -2.02 -2.11
N THR E 28 0.18 -2.88 -2.65
CA THR E 28 0.65 -3.94 -3.54
C THR E 28 1.22 -3.37 -4.84
N ALA E 29 0.67 -2.25 -5.31
CA ALA E 29 1.22 -1.59 -6.50
C ALA E 29 2.62 -1.05 -6.25
N ILE E 30 2.86 -0.49 -5.06
CA ILE E 30 4.18 0.01 -4.70
C ILE E 30 5.18 -1.15 -4.58
N SER E 31 4.76 -2.25 -3.96
CA SER E 31 5.62 -3.43 -3.83
C SER E 31 6.00 -4.01 -5.19
N VAL E 32 5.00 -4.16 -6.07
CA VAL E 32 5.24 -4.69 -7.40
C VAL E 32 6.07 -3.72 -8.23
N GLY E 33 5.86 -2.41 -8.04
CA GLY E 33 6.61 -1.42 -8.79
C GLY E 33 8.08 -1.36 -8.41
N LEU E 34 8.39 -1.48 -7.11
CA LEU E 34 9.80 -1.53 -6.73
C LEU E 34 10.45 -2.85 -7.10
N PHE E 35 9.71 -3.96 -7.05
CA PHE E 35 10.29 -5.22 -7.52
C PHE E 35 10.54 -5.19 -9.04
N GLY E 36 9.64 -4.57 -9.79
CA GLY E 36 9.86 -4.39 -11.21
C GLY E 36 10.94 -3.38 -11.52
N GLY E 37 11.16 -2.41 -10.61
CA GLY E 37 12.31 -1.53 -10.74
C GLY E 37 13.61 -2.28 -10.59
N GLY E 38 13.67 -3.22 -9.64
CA GLY E 38 14.82 -4.10 -9.54
C GLY E 38 15.00 -4.97 -10.77
N MET E 39 13.90 -5.50 -11.31
CA MET E 39 13.98 -6.30 -12.52
C MET E 39 14.46 -5.48 -13.72
N LEU E 40 14.00 -4.23 -13.84
CA LEU E 40 14.40 -3.42 -14.98
C LEU E 40 15.84 -2.93 -14.84
N VAL E 41 16.34 -2.73 -13.62
CA VAL E 41 17.74 -2.36 -13.54
C VAL E 41 18.65 -3.58 -13.71
N VAL E 42 18.17 -4.79 -13.39
CA VAL E 42 18.92 -6.00 -13.76
C VAL E 42 18.96 -6.17 -15.27
N ARG E 43 17.84 -5.94 -15.96
CA ARG E 43 17.83 -5.99 -17.41
C ARG E 43 18.65 -4.86 -18.02
N LEU E 44 18.70 -3.70 -17.35
CA LEU E 44 19.56 -2.61 -17.80
C LEU E 44 21.03 -2.96 -17.67
N ALA E 45 21.40 -3.66 -16.59
CA ALA E 45 22.76 -4.17 -16.46
C ALA E 45 23.08 -5.19 -17.55
N ASP E 46 22.12 -6.06 -17.86
CA ASP E 46 22.31 -7.06 -18.91
C ASP E 46 22.48 -6.40 -20.28
N SER E 47 21.72 -5.34 -20.55
CA SER E 47 21.87 -4.61 -21.80
C SER E 47 23.15 -3.80 -21.85
N SER E 48 23.55 -3.20 -20.74
CA SER E 48 24.77 -2.39 -20.68
C SER E 48 26.03 -3.24 -20.69
N ARG E 49 25.94 -4.53 -20.35
CA ARG E 49 27.08 -5.42 -20.50
C ARG E 49 27.46 -5.62 -21.96
N ALA E 50 26.49 -5.52 -22.87
CA ALA E 50 26.79 -5.69 -24.29
C ALA E 50 27.54 -4.49 -24.85
N ILE E 51 27.08 -3.28 -24.56
CA ILE E 51 27.73 -2.09 -25.11
C ILE E 51 29.06 -1.80 -24.41
N TYR E 52 29.14 -1.99 -23.10
CA TYR E 52 30.37 -1.79 -22.36
C TYR E 52 31.12 -3.11 -22.27
N LEU E 53 32.15 -3.14 -21.43
CA LEU E 53 32.96 -4.32 -21.24
C LEU E 53 33.00 -4.68 -19.75
N ASP E 54 33.29 -5.95 -19.47
CA ASP E 54 33.17 -6.49 -18.13
C ASP E 54 34.41 -6.17 -17.29
N ARG E 55 34.47 -6.74 -16.08
CA ARG E 55 35.49 -6.41 -15.08
C ARG E 55 36.76 -7.24 -15.25
N VAL E 56 36.82 -8.12 -16.23
CA VAL E 56 38.03 -8.91 -16.49
C VAL E 56 38.62 -8.46 -17.81
N GLU E 57 38.43 -7.19 -18.16
CA GLU E 57 38.69 -6.71 -19.50
C GLU E 57 39.70 -5.57 -19.47
N SER E 58 40.69 -5.62 -20.37
CA SER E 58 41.61 -4.50 -20.60
C SER E 58 42.08 -4.60 -22.05
N GLN E 59 41.44 -3.84 -22.94
CA GLN E 59 41.78 -3.96 -24.35
C GLN E 59 43.07 -3.20 -24.66
N VAL E 60 43.53 -3.36 -25.91
CA VAL E 60 44.76 -2.73 -26.35
C VAL E 60 44.56 -2.36 -27.83
N PHE E 61 45.23 -1.29 -28.26
CA PHE E 61 45.28 -0.90 -29.65
C PHE E 61 46.65 -1.25 -30.22
N LEU E 62 46.80 -1.08 -31.53
CA LEU E 62 48.04 -1.40 -32.22
C LEU E 62 48.58 -0.17 -32.91
N THR E 63 49.74 -0.33 -33.55
CA THR E 63 50.40 0.76 -34.25
C THR E 63 49.59 1.14 -35.48
N GLU E 64 49.68 2.43 -35.86
CA GLU E 64 48.78 3.01 -36.86
C GLU E 64 48.94 2.37 -38.23
N ASP E 65 50.19 2.13 -38.66
CA ASP E 65 50.39 1.47 -39.95
C ASP E 65 50.01 0.00 -39.90
N VAL E 66 50.22 -0.65 -38.75
CA VAL E 66 49.82 -2.05 -38.61
C VAL E 66 48.30 -2.17 -38.54
N SER E 67 47.64 -1.25 -37.84
CA SER E 67 46.19 -1.33 -37.68
C SER E 67 45.44 -0.86 -38.93
N ALA E 68 45.99 0.09 -39.67
CA ALA E 68 45.31 0.64 -40.84
C ALA E 68 45.33 -0.29 -42.03
N ASN E 69 46.15 -1.34 -42.01
CA ASN E 69 46.26 -2.29 -43.12
C ASN E 69 46.39 -3.68 -42.51
N ASP E 70 46.84 -4.63 -43.33
CA ASP E 70 47.21 -6.00 -42.92
C ASP E 70 46.03 -6.74 -42.29
N SER E 71 45.00 -6.98 -43.11
CA SER E 71 43.81 -7.67 -42.65
C SER E 71 44.11 -9.13 -42.32
N SER E 72 44.90 -9.80 -43.16
CA SER E 72 45.31 -11.17 -42.88
C SER E 72 46.59 -11.15 -42.05
N CYS E 73 46.59 -11.90 -40.94
CA CYS E 73 47.70 -11.87 -40.00
C CYS E 73 48.78 -12.92 -40.32
N ASP E 74 48.86 -13.34 -41.60
CA ASP E 74 49.91 -14.25 -42.01
C ASP E 74 51.26 -13.57 -42.15
N THR E 75 51.29 -12.23 -42.17
CA THR E 75 52.54 -11.51 -42.32
C THR E 75 53.31 -11.48 -41.00
N THR E 76 54.53 -10.93 -41.08
CA THR E 76 55.43 -10.89 -39.94
C THR E 76 55.00 -9.85 -38.90
N ALA E 77 54.54 -8.68 -39.36
CA ALA E 77 54.32 -7.55 -38.46
C ALA E 77 53.12 -7.78 -37.53
N CYS E 78 52.05 -8.40 -38.05
CA CYS E 78 50.88 -8.66 -37.21
C CYS E 78 51.20 -9.68 -36.13
N LYS E 79 51.96 -10.73 -36.47
CA LYS E 79 52.41 -11.70 -35.47
C LYS E 79 53.38 -11.08 -34.48
N ALA E 80 54.22 -10.13 -34.93
CA ALA E 80 55.15 -9.46 -34.05
C ALA E 80 54.43 -8.59 -33.03
N LEU E 81 53.42 -7.82 -33.48
CA LEU E 81 52.62 -7.03 -32.55
C LEU E 81 51.78 -7.90 -31.63
N ARG E 82 51.24 -9.01 -32.15
CA ARG E 82 50.48 -9.95 -31.31
C ARG E 82 51.35 -10.57 -30.23
N GLU E 83 52.59 -10.94 -30.57
CA GLU E 83 53.50 -11.48 -29.57
C GLU E 83 53.98 -10.40 -28.61
N LYS E 84 54.07 -9.15 -29.07
CA LYS E 84 54.39 -8.04 -28.17
C LYS E 84 53.30 -7.84 -27.13
N ILE E 85 52.04 -7.99 -27.54
CA ILE E 85 50.95 -7.97 -26.56
C ILE E 85 50.99 -9.20 -25.68
N GLU E 86 51.31 -10.36 -26.26
CA GLU E 86 51.27 -11.64 -25.57
C GLU E 86 52.57 -11.98 -24.83
N THR E 87 53.46 -11.00 -24.66
CA THR E 87 54.63 -11.19 -23.80
C THR E 87 54.22 -11.47 -22.35
N ARG E 88 53.26 -10.72 -21.84
CA ARG E 88 52.78 -10.94 -20.49
C ARG E 88 51.77 -12.08 -20.46
N SER E 89 51.49 -12.57 -19.26
CA SER E 89 50.60 -13.69 -19.07
C SER E 89 49.13 -13.28 -18.96
N ASP E 90 48.83 -11.99 -19.11
CA ASP E 90 47.47 -11.49 -18.95
C ASP E 90 46.58 -11.80 -20.14
N VAL E 91 47.12 -12.31 -21.23
CA VAL E 91 46.34 -12.58 -22.43
C VAL E 91 45.52 -13.85 -22.23
N LYS E 92 44.21 -13.73 -22.36
CA LYS E 92 43.37 -14.91 -22.17
C LYS E 92 42.39 -15.16 -23.32
N ALA E 93 41.75 -14.12 -23.83
CA ALA E 93 40.67 -14.28 -24.80
C ALA E 93 40.76 -13.23 -25.89
N VAL E 94 41.94 -13.09 -26.50
CA VAL E 94 42.11 -12.18 -27.63
C VAL E 94 41.32 -12.70 -28.82
N ARG E 95 40.71 -11.79 -29.57
CA ARG E 95 39.83 -12.13 -30.68
C ARG E 95 40.38 -11.55 -31.97
N PHE E 96 40.19 -12.29 -33.06
CA PHE E 96 40.64 -11.85 -34.39
C PHE E 96 39.60 -10.87 -34.96
N LEU E 97 39.68 -9.64 -34.47
CA LEU E 97 38.78 -8.57 -34.91
C LEU E 97 39.59 -7.49 -35.61
N ASN E 98 39.37 -7.35 -36.92
CA ASN E 98 40.04 -6.32 -37.69
C ASN E 98 39.19 -5.86 -38.88
N ARG E 99 39.00 -4.54 -38.97
CA ARG E 99 38.34 -3.85 -40.08
C ARG E 99 36.92 -4.33 -40.35
N GLN E 100 36.78 -5.33 -41.22
CA GLN E 100 35.47 -5.72 -41.74
C GLN E 100 34.58 -6.35 -40.69
N GLN E 101 35.17 -7.03 -39.70
CA GLN E 101 34.42 -7.56 -38.57
C GLN E 101 34.47 -6.63 -37.37
N ALA E 102 35.02 -5.42 -37.52
CA ALA E 102 35.11 -4.47 -36.43
C ALA E 102 34.26 -3.22 -36.61
N TYR E 103 33.61 -3.05 -37.76
CA TYR E 103 32.78 -1.86 -37.98
C TYR E 103 31.46 -1.95 -37.22
N ASP E 104 30.80 -3.11 -37.25
CA ASP E 104 29.41 -3.21 -36.81
C ASP E 104 29.29 -3.14 -35.30
N ASP E 105 30.21 -3.78 -34.57
CA ASP E 105 30.15 -3.73 -33.11
C ASP E 105 30.63 -2.40 -32.56
N ALA E 106 31.32 -1.59 -33.37
CA ALA E 106 31.85 -0.33 -32.90
C ALA E 106 31.00 0.87 -33.31
N ILE E 107 30.19 0.75 -34.37
CA ILE E 107 29.27 1.84 -34.68
C ILE E 107 28.10 1.90 -33.70
N ARG E 108 27.79 0.79 -33.03
CA ARG E 108 26.66 0.75 -32.11
C ARG E 108 27.03 1.19 -30.70
N LYS E 109 28.30 1.06 -30.32
CA LYS E 109 28.71 1.45 -28.98
C LYS E 109 28.95 2.95 -28.85
N PHE E 110 29.02 3.66 -29.98
CA PHE E 110 29.25 5.11 -29.94
C PHE E 110 28.61 5.75 -31.16
N PRO E 111 27.81 6.80 -30.98
CA PRO E 111 27.03 7.33 -32.11
C PRO E 111 27.84 8.17 -33.07
N GLN E 112 28.81 8.94 -32.59
CA GLN E 112 29.54 9.85 -33.46
C GLN E 112 30.63 9.16 -34.27
N PHE E 113 30.90 7.88 -34.00
CA PHE E 113 31.82 7.13 -34.86
C PHE E 113 31.20 6.83 -36.22
N LYS E 114 29.87 6.73 -36.29
CA LYS E 114 29.18 6.53 -37.55
C LYS E 114 29.21 7.77 -38.44
N ASP E 115 29.46 8.95 -37.87
CA ASP E 115 29.61 10.16 -38.66
C ASP E 115 30.94 10.13 -39.41
N VAL E 116 30.88 10.34 -40.73
CA VAL E 116 31.99 10.27 -41.68
C VAL E 116 32.70 8.92 -41.56
N ALA E 117 31.92 7.86 -41.53
CA ALA E 117 32.46 6.50 -41.42
C ALA E 117 32.73 5.85 -42.77
N GLY E 118 32.50 6.57 -43.87
CA GLY E 118 32.81 6.01 -45.18
C GLY E 118 34.29 5.85 -45.42
N LYS E 119 35.09 6.82 -44.98
CA LYS E 119 36.54 6.79 -45.15
C LYS E 119 37.20 6.65 -43.79
N ASP E 120 38.05 5.63 -43.64
CA ASP E 120 38.78 5.31 -42.41
C ASP E 120 37.83 5.12 -41.23
N SER E 121 36.95 4.14 -41.36
CA SER E 121 35.96 3.83 -40.34
C SER E 121 36.61 3.32 -39.06
N PHE E 122 37.23 2.15 -39.11
CA PHE E 122 37.82 1.52 -37.93
C PHE E 122 39.03 0.71 -38.35
N PRO E 123 40.19 0.92 -37.71
CA PRO E 123 41.36 0.08 -37.98
C PRO E 123 41.32 -1.21 -37.16
N ALA E 124 42.40 -2.00 -37.21
CA ALA E 124 42.49 -3.23 -36.44
C ALA E 124 42.57 -2.93 -34.95
N SER E 125 41.86 -3.73 -34.15
CA SER E 125 41.74 -3.48 -32.72
C SER E 125 42.40 -4.57 -31.89
N PHE E 126 41.99 -5.85 -32.07
CA PHE E 126 42.48 -7.02 -31.33
C PHE E 126 42.28 -6.84 -29.82
N ILE E 127 41.00 -6.85 -29.44
CA ILE E 127 40.59 -6.67 -28.06
C ILE E 127 40.96 -7.91 -27.25
N VAL E 128 41.58 -7.69 -26.08
CA VAL E 128 42.12 -8.77 -25.25
C VAL E 128 41.60 -8.62 -23.82
N LYS E 129 41.51 -9.75 -23.10
CA LYS E 129 40.97 -9.81 -21.75
C LYS E 129 42.09 -9.66 -20.72
N LEU E 130 41.76 -9.93 -19.45
CA LEU E 130 42.65 -9.72 -18.31
C LEU E 130 42.19 -10.62 -17.17
N GLU E 131 43.14 -11.05 -16.34
CA GLU E 131 42.82 -11.80 -15.13
C GLU E 131 43.24 -11.12 -13.83
N ASN E 132 44.10 -10.10 -13.89
CA ASN E 132 44.60 -9.44 -12.68
C ASN E 132 44.32 -7.95 -12.75
N PRO E 133 43.27 -7.45 -12.07
CA PRO E 133 43.04 -5.99 -12.06
C PRO E 133 44.03 -5.23 -11.20
N GLU E 134 44.66 -5.89 -10.22
CA GLU E 134 45.63 -5.21 -9.39
C GLU E 134 47.03 -5.20 -9.98
N GLN E 135 47.29 -5.99 -11.02
CA GLN E 135 48.64 -6.20 -11.52
C GLN E 135 48.81 -5.86 -12.99
N HIS E 136 47.93 -5.06 -13.59
CA HIS E 136 48.11 -4.65 -14.98
C HIS E 136 48.54 -3.20 -15.09
N LYS E 137 48.93 -2.57 -14.00
CA LYS E 137 49.42 -1.19 -14.04
C LYS E 137 50.74 -1.09 -14.79
N ASP E 138 51.63 -2.06 -14.58
CA ASP E 138 52.87 -2.11 -15.36
C ASP E 138 52.59 -2.47 -16.81
N PHE E 139 51.56 -3.26 -17.07
CA PHE E 139 51.14 -3.56 -18.44
C PHE E 139 50.65 -2.31 -19.15
N ASP E 140 49.87 -1.46 -18.47
CA ASP E 140 49.46 -0.19 -19.07
C ASP E 140 50.62 0.80 -19.14
N THR E 141 51.61 0.65 -18.26
CA THR E 141 52.81 1.50 -18.35
C THR E 141 53.62 1.15 -19.59
N ALA E 142 53.81 -0.13 -19.86
CA ALA E 142 54.53 -0.56 -21.05
C ALA E 142 53.72 -0.30 -22.31
N MET E 143 52.40 -0.43 -22.23
CA MET E 143 51.51 -0.28 -23.38
C MET E 143 50.79 1.08 -23.34
N LYS E 144 51.51 2.12 -22.92
CA LYS E 144 50.94 3.45 -22.78
C LYS E 144 50.86 4.19 -24.11
N GLY E 145 50.64 5.51 -24.06
CA GLY E 145 50.53 6.32 -25.25
C GLY E 145 51.84 6.72 -25.90
N GLN E 146 52.91 5.98 -25.59
CA GLN E 146 54.19 6.15 -26.25
C GLN E 146 54.08 5.70 -27.71
N PRO E 147 54.91 6.24 -28.61
CA PRO E 147 54.84 5.86 -30.02
C PRO E 147 55.19 4.40 -30.26
N GLY E 148 54.33 3.72 -31.01
CA GLY E 148 54.33 2.28 -31.08
C GLY E 148 52.93 1.76 -30.80
N VAL E 149 52.75 1.08 -29.66
CA VAL E 149 51.41 0.69 -29.23
C VAL E 149 50.66 1.93 -28.77
N LEU E 150 49.46 2.12 -29.30
CA LEU E 150 48.70 3.35 -29.09
C LEU E 150 47.99 3.32 -27.74
N ASP E 151 47.09 4.28 -27.53
CA ASP E 151 46.42 4.47 -26.25
C ASP E 151 45.41 3.35 -25.99
N VAL E 152 45.27 2.98 -24.71
CA VAL E 152 44.42 1.86 -24.32
C VAL E 152 43.28 2.38 -23.44
N LEU E 153 42.36 1.49 -23.10
CA LEU E 153 41.24 1.82 -22.23
C LEU E 153 41.01 0.68 -21.24
N ASN E 154 40.64 1.05 -20.02
CA ASN E 154 40.45 0.10 -18.93
C ASN E 154 39.11 0.41 -18.26
N GLN E 155 38.19 -0.54 -18.31
CA GLN E 155 36.83 -0.32 -17.79
C GLN E 155 36.70 -0.77 -16.34
N LYS E 156 37.64 -0.31 -15.51
CA LYS E 156 37.61 -0.49 -14.05
C LYS E 156 38.55 0.55 -13.47
N GLU E 157 38.70 0.53 -12.13
CA GLU E 157 39.58 1.42 -11.36
C GLU E 157 39.19 2.88 -11.59
N LEU E 158 38.01 3.22 -11.02
CA LEU E 158 37.33 4.53 -11.11
C LEU E 158 36.81 4.80 -12.51
N ILE E 159 36.62 3.77 -13.32
CA ILE E 159 35.96 3.90 -14.61
C ILE E 159 34.60 3.20 -14.63
N ASP E 160 34.46 2.06 -13.95
CA ASP E 160 33.21 1.32 -13.88
C ASP E 160 32.35 1.75 -12.70
N ARG E 161 32.43 3.02 -12.31
CA ARG E 161 31.70 3.54 -11.16
C ARG E 161 30.19 3.48 -11.34
N LEU E 162 29.71 3.61 -12.59
CA LEU E 162 28.27 3.51 -12.85
C LEU E 162 27.77 2.10 -12.59
N PHE E 163 28.57 1.09 -12.90
CA PHE E 163 28.22 -0.29 -12.57
C PHE E 163 28.13 -0.50 -11.07
N ALA E 164 29.09 0.07 -10.32
CA ALA E 164 29.08 -0.01 -8.87
C ALA E 164 27.94 0.80 -8.25
N VAL E 165 27.42 1.80 -8.96
CA VAL E 165 26.21 2.49 -8.53
C VAL E 165 24.99 1.61 -8.76
N LEU E 166 24.88 1.05 -9.98
CA LEU E 166 23.63 0.40 -10.36
C LEU E 166 23.42 -0.93 -9.65
N ASP E 167 24.49 -1.70 -9.40
CA ASP E 167 24.28 -2.97 -8.69
C ASP E 167 23.94 -2.72 -7.21
N GLY E 168 24.53 -1.67 -6.62
CA GLY E 168 24.18 -1.32 -5.25
C GLY E 168 22.76 -0.84 -5.11
N LEU E 169 22.30 0.01 -6.04
CA LEU E 169 20.90 0.41 -6.02
C LEU E 169 19.97 -0.74 -6.39
N SER E 170 20.45 -1.71 -7.18
CA SER E 170 19.66 -2.91 -7.47
C SER E 170 19.48 -3.75 -6.20
N ASN E 171 20.54 -3.90 -5.40
CA ASN E 171 20.43 -4.65 -4.16
C ASN E 171 19.58 -3.90 -3.13
N ALA E 172 19.67 -2.56 -3.10
CA ALA E 172 18.81 -1.77 -2.23
C ALA E 172 17.35 -1.88 -2.65
N ALA E 173 17.09 -1.90 -3.96
CA ALA E 173 15.75 -2.12 -4.48
C ALA E 173 15.25 -3.51 -4.14
N PHE E 174 16.15 -4.51 -4.17
CA PHE E 174 15.79 -5.86 -3.76
C PHE E 174 15.40 -5.92 -2.29
N ALA E 175 16.15 -5.23 -1.43
CA ALA E 175 15.85 -5.22 0.00
C ALA E 175 14.54 -4.51 0.30
N VAL E 176 14.30 -3.36 -0.33
CA VAL E 176 13.05 -2.66 -0.07
C VAL E 176 11.87 -3.40 -0.71
N ALA E 177 12.10 -4.12 -1.81
CA ALA E 177 11.06 -4.95 -2.38
C ALA E 177 10.75 -6.15 -1.47
N LEU E 178 11.77 -6.69 -0.79
CA LEU E 178 11.54 -7.75 0.18
C LEU E 178 10.71 -7.27 1.36
N VAL E 179 11.02 -6.07 1.88
CA VAL E 179 10.26 -5.63 3.05
C VAL E 179 8.84 -5.17 2.65
N GLN E 180 8.67 -4.60 1.44
CA GLN E 180 7.33 -4.37 0.91
C GLN E 180 6.58 -5.67 0.67
N ALA E 181 7.27 -6.73 0.25
CA ALA E 181 6.61 -8.02 0.06
C ALA E 181 6.18 -8.62 1.39
N ILE E 182 6.99 -8.43 2.43
CA ILE E 182 6.62 -8.90 3.77
C ILE E 182 5.39 -8.13 4.29
N GLY E 183 5.39 -6.81 4.12
CA GLY E 183 4.23 -6.03 4.50
C GLY E 183 2.99 -6.39 3.72
N ALA E 184 3.15 -6.62 2.41
CA ALA E 184 2.05 -7.02 1.54
C ALA E 184 1.49 -8.38 1.93
N ILE E 185 2.37 -9.34 2.22
CA ILE E 185 1.91 -10.70 2.50
C ILE E 185 1.20 -10.73 3.86
N LEU E 186 1.62 -9.91 4.83
CA LEU E 186 0.87 -9.84 6.08
C LEU E 186 -0.45 -9.08 5.96
N LEU E 187 -0.50 -8.01 5.16
CA LEU E 187 -1.78 -7.30 5.04
C LEU E 187 -2.81 -8.09 4.26
N ILE E 188 -2.42 -8.83 3.21
CA ILE E 188 -3.41 -9.71 2.60
C ILE E 188 -3.54 -11.03 3.37
N ALA E 189 -2.69 -11.28 4.36
CA ALA E 189 -2.94 -12.39 5.29
C ALA E 189 -4.08 -12.04 6.23
N ASN E 190 -4.07 -10.84 6.81
CA ASN E 190 -5.15 -10.49 7.72
C ASN E 190 -6.32 -9.80 7.02
N MET E 191 -6.25 -9.65 5.69
CA MET E 191 -7.42 -9.34 4.87
C MET E 191 -8.57 -10.32 5.11
N VAL E 192 -8.29 -11.62 5.00
CA VAL E 192 -9.34 -12.61 5.22
C VAL E 192 -9.76 -12.66 6.69
N GLN E 193 -8.86 -12.30 7.61
CA GLN E 193 -9.19 -12.24 9.02
C GLN E 193 -10.21 -11.14 9.30
N VAL E 194 -9.95 -9.92 8.81
CA VAL E 194 -10.91 -8.84 9.03
C VAL E 194 -12.16 -9.00 8.17
N ALA E 195 -12.07 -9.71 7.04
CA ALA E 195 -13.25 -9.96 6.22
C ALA E 195 -14.18 -10.95 6.90
N ALA E 196 -13.63 -12.03 7.48
CA ALA E 196 -14.42 -12.95 8.26
C ALA E 196 -14.91 -12.33 9.57
N TYR E 197 -14.16 -11.37 10.12
CA TYR E 197 -14.65 -10.64 11.28
C TYR E 197 -15.84 -9.75 10.93
N THR E 198 -15.81 -9.14 9.74
CA THR E 198 -16.92 -8.30 9.31
C THR E 198 -18.05 -9.08 8.66
N ARG E 199 -17.86 -10.37 8.39
CA ARG E 199 -18.88 -11.23 7.79
C ARG E 199 -19.06 -12.51 8.59
N ARG E 200 -19.05 -12.40 9.91
CA ARG E 200 -19.10 -13.56 10.79
C ARG E 200 -20.52 -14.10 10.96
N THR E 201 -21.53 -13.43 10.43
CA THR E 201 -22.91 -13.87 10.62
C THR E 201 -23.20 -15.15 9.85
N GLU E 202 -22.73 -15.24 8.61
CA GLU E 202 -23.08 -16.35 7.73
C GLU E 202 -22.09 -17.51 7.81
N ILE E 203 -21.01 -17.38 8.59
CA ILE E 203 -19.99 -18.44 8.63
C ILE E 203 -20.55 -19.67 9.33
N GLY E 204 -21.23 -19.49 10.45
CA GLY E 204 -21.88 -20.61 11.12
C GLY E 204 -23.04 -21.17 10.31
N ILE E 205 -23.67 -20.35 9.48
CA ILE E 205 -24.70 -20.83 8.57
C ILE E 205 -24.08 -21.75 7.51
N MET E 206 -22.92 -21.35 6.96
CA MET E 206 -22.25 -22.17 5.96
C MET E 206 -21.73 -23.46 6.58
N ARG E 207 -21.32 -23.41 7.84
CA ARG E 207 -20.97 -24.64 8.55
C ARG E 207 -22.22 -25.46 8.89
N LEU E 208 -23.38 -24.82 8.93
CA LEU E 208 -24.60 -25.52 9.32
C LEU E 208 -25.27 -26.23 8.15
N VAL E 209 -25.28 -25.60 6.97
CA VAL E 209 -26.01 -26.14 5.83
C VAL E 209 -25.36 -27.39 5.24
N GLY E 210 -24.11 -27.67 5.56
CA GLY E 210 -23.47 -28.88 5.08
C GLY E 210 -22.95 -28.83 3.67
N ALA E 211 -22.64 -27.64 3.15
CA ALA E 211 -22.04 -27.52 1.84
C ALA E 211 -20.59 -28.02 1.85
N SER E 212 -20.02 -28.19 0.66
CA SER E 212 -18.70 -28.77 0.53
C SER E 212 -17.62 -27.83 1.08
N ARG E 213 -16.57 -28.44 1.62
CA ARG E 213 -15.52 -27.68 2.29
C ARG E 213 -14.67 -26.90 1.28
N TRP E 214 -14.65 -27.33 0.02
CA TRP E 214 -13.93 -26.60 -1.01
C TRP E 214 -14.64 -25.30 -1.39
N TYR E 215 -15.97 -25.30 -1.36
CA TYR E 215 -16.77 -24.18 -1.85
C TYR E 215 -17.02 -23.11 -0.81
N THR E 216 -16.60 -23.32 0.44
CA THR E 216 -16.91 -22.36 1.50
C THR E 216 -16.07 -21.09 1.35
N GLN E 217 -14.80 -21.23 0.99
CA GLN E 217 -13.87 -20.12 0.92
C GLN E 217 -13.77 -19.49 -0.46
N LEU E 218 -14.57 -19.95 -1.42
CA LEU E 218 -14.50 -19.44 -2.79
C LEU E 218 -14.78 -17.95 -2.95
N PRO E 219 -15.78 -17.32 -2.27
CA PRO E 219 -15.87 -15.85 -2.36
C PRO E 219 -14.64 -15.11 -1.84
N PHE E 220 -14.01 -15.61 -0.78
CA PHE E 220 -12.82 -14.94 -0.25
C PHE E 220 -11.64 -15.08 -1.22
N LEU E 221 -11.51 -16.25 -1.86
CA LEU E 221 -10.48 -16.43 -2.89
C LEU E 221 -10.73 -15.56 -4.12
N VAL E 222 -11.99 -15.41 -4.56
CA VAL E 222 -12.19 -14.58 -5.75
C VAL E 222 -12.05 -13.10 -5.39
N GLU E 223 -12.36 -12.68 -4.16
CA GLU E 223 -12.03 -11.33 -3.74
C GLU E 223 -10.53 -11.10 -3.65
N ALA E 224 -9.76 -12.12 -3.23
CA ALA E 224 -8.30 -12.01 -3.22
C ALA E 224 -7.75 -11.90 -4.63
N MET E 225 -8.30 -12.68 -5.58
CA MET E 225 -7.81 -12.64 -6.96
C MET E 225 -8.17 -11.32 -7.64
N LEU E 226 -9.40 -10.82 -7.45
CA LEU E 226 -9.76 -9.53 -8.03
C LEU E 226 -9.02 -8.37 -7.37
N ALA E 227 -8.71 -8.48 -6.07
CA ALA E 227 -7.86 -7.48 -5.44
C ALA E 227 -6.44 -7.50 -5.99
N ALA E 228 -5.92 -8.70 -6.28
CA ALA E 228 -4.60 -8.81 -6.90
C ALA E 228 -4.58 -8.23 -8.31
N THR E 229 -5.63 -8.48 -9.09
CA THR E 229 -5.72 -7.90 -10.42
C THR E 229 -5.88 -6.38 -10.37
N MET E 230 -6.63 -5.87 -9.38
CA MET E 230 -6.75 -4.43 -9.21
C MET E 230 -5.44 -3.80 -8.79
N GLY E 231 -4.64 -4.51 -7.98
CA GLY E 231 -3.32 -4.02 -7.63
C GLY E 231 -2.38 -3.97 -8.83
N VAL E 232 -2.34 -5.05 -9.61
CA VAL E 232 -1.38 -5.10 -10.71
C VAL E 232 -1.83 -4.21 -11.88
N GLY E 233 -3.14 -3.94 -12.00
CA GLY E 233 -3.63 -3.08 -13.06
C GLY E 233 -3.20 -1.64 -12.94
N ILE E 234 -2.98 -1.16 -11.71
CA ILE E 234 -2.38 0.15 -11.54
C ILE E 234 -0.88 0.05 -11.28
N ALA E 235 -0.37 -1.13 -10.92
CA ALA E 235 1.07 -1.30 -10.82
C ALA E 235 1.75 -1.25 -12.18
N VAL E 236 1.10 -1.78 -13.22
CA VAL E 236 1.65 -1.69 -14.57
C VAL E 236 1.48 -0.32 -15.18
N ALA E 237 0.66 0.54 -14.59
CA ALA E 237 0.48 1.91 -15.07
C ALA E 237 1.29 2.92 -14.30
N GLY E 238 1.60 2.65 -13.03
CA GLY E 238 2.39 3.58 -12.23
C GLY E 238 3.82 3.68 -12.70
N LEU E 239 4.35 2.63 -13.33
CA LEU E 239 5.68 2.68 -13.93
C LEU E 239 5.71 3.68 -15.09
N MET E 240 4.68 3.66 -15.93
CA MET E 240 4.57 4.64 -17.01
C MET E 240 4.30 6.04 -16.46
N VAL E 241 3.55 6.12 -15.35
CA VAL E 241 3.25 7.40 -14.71
C VAL E 241 4.53 8.04 -14.18
N VAL E 242 5.36 7.27 -13.47
CA VAL E 242 6.60 7.84 -12.95
C VAL E 242 7.64 8.04 -14.04
N ARG E 243 7.57 7.27 -15.14
CA ARG E 243 8.44 7.54 -16.29
C ARG E 243 8.10 8.90 -16.92
N ALA E 244 6.82 9.11 -17.24
CA ALA E 244 6.39 10.39 -17.81
C ALA E 244 6.45 11.53 -16.80
N LEU E 245 6.54 11.23 -15.50
CA LEU E 245 6.75 12.27 -14.50
C LEU E 245 8.21 12.71 -14.48
N PHE E 246 9.12 11.76 -14.20
CA PHE E 246 10.51 12.14 -13.90
C PHE E 246 11.52 11.32 -14.70
N LEU E 247 11.31 11.14 -15.99
CA LEU E 247 12.35 10.63 -16.87
C LEU E 247 12.63 11.57 -18.03
N GLU E 248 11.84 12.62 -18.19
CA GLU E 248 11.98 13.56 -19.30
C GLU E 248 13.21 14.46 -19.17
N ASN E 249 13.83 14.51 -18.00
CA ASN E 249 15.11 15.20 -17.87
C ASN E 249 16.21 14.46 -18.64
N ALA E 250 16.12 13.13 -18.73
CA ALA E 250 17.09 12.34 -19.48
C ALA E 250 16.48 11.65 -20.68
N LEU E 251 15.46 10.80 -20.49
CA LEU E 251 14.86 9.93 -21.51
C LEU E 251 15.89 9.13 -22.28
N ASN E 252 16.10 9.49 -23.54
CA ASN E 252 17.04 8.80 -24.42
C ASN E 252 18.35 9.55 -24.61
N GLN E 253 18.63 10.57 -23.80
CA GLN E 253 19.86 11.33 -23.94
C GLN E 253 21.08 10.55 -23.43
N PHE E 254 20.89 9.46 -22.68
CA PHE E 254 22.01 8.61 -22.32
C PHE E 254 22.45 7.70 -23.46
N TYR E 255 21.66 7.61 -24.54
CA TYR E 255 22.10 6.85 -25.70
C TYR E 255 23.23 7.56 -26.43
N GLN E 256 23.09 8.87 -26.66
CA GLN E 256 24.18 9.64 -27.24
C GLN E 256 25.29 9.89 -26.23
N ALA E 257 24.96 9.95 -24.94
CA ALA E 257 25.96 10.10 -23.89
C ALA E 257 26.64 8.80 -23.52
N ASN E 258 26.11 7.66 -24.01
CA ASN E 258 26.69 6.33 -23.85
C ASN E 258 26.82 5.93 -22.39
N LEU E 259 25.80 6.26 -21.59
CA LEU E 259 25.71 5.83 -20.20
C LEU E 259 24.98 4.50 -20.09
N ILE E 260 23.77 4.42 -20.60
CA ILE E 260 22.99 3.18 -20.62
C ILE E 260 22.89 2.71 -22.07
N ALA E 261 22.51 1.45 -22.23
CA ALA E 261 22.41 0.88 -23.57
C ALA E 261 21.13 1.35 -24.27
N LYS E 262 19.98 0.97 -23.74
CA LYS E 262 18.69 1.33 -24.31
C LYS E 262 17.68 1.49 -23.20
N VAL E 263 16.68 2.33 -23.43
CA VAL E 263 15.50 2.42 -22.57
C VAL E 263 14.25 2.47 -23.46
N ASP E 264 13.27 1.65 -23.11
CA ASP E 264 12.01 1.57 -23.83
C ASP E 264 10.99 0.91 -22.92
N TYR E 265 9.71 1.21 -23.16
CA TYR E 265 8.63 0.69 -22.33
C TYR E 265 8.45 -0.82 -22.48
N ALA E 266 8.82 -1.37 -23.64
CA ALA E 266 8.63 -2.81 -23.87
C ALA E 266 9.56 -3.66 -23.02
N ASP E 267 10.73 -3.13 -22.65
CA ASP E 267 11.64 -3.87 -21.78
C ASP E 267 11.06 -4.03 -20.37
N ILE E 268 10.37 -2.99 -19.88
CA ILE E 268 9.66 -3.12 -18.62
C ILE E 268 8.44 -4.02 -18.78
N LEU E 269 7.74 -3.89 -19.91
CA LEU E 269 6.55 -4.69 -20.18
C LEU E 269 6.85 -6.17 -20.43
N PHE E 270 8.11 -6.54 -20.64
CA PHE E 270 8.49 -7.94 -20.79
C PHE E 270 8.37 -8.73 -19.49
N ILE E 271 8.30 -8.06 -18.34
CA ILE E 271 8.33 -8.73 -17.04
C ILE E 271 6.93 -8.85 -16.43
N THR E 272 5.92 -8.22 -17.02
CA THR E 272 4.59 -8.15 -16.41
C THR E 272 3.85 -9.48 -16.18
N PRO E 273 3.82 -10.48 -17.09
CA PRO E 273 3.10 -11.73 -16.75
C PRO E 273 3.70 -12.51 -15.59
N TRP E 274 5.04 -12.49 -15.46
CA TRP E 274 5.69 -13.18 -14.34
C TRP E 274 5.32 -12.56 -13.01
N LEU E 275 5.35 -11.22 -12.94
CA LEU E 275 5.03 -10.55 -11.68
C LEU E 275 3.55 -10.66 -11.33
N LEU E 276 2.66 -10.63 -12.33
CA LEU E 276 1.24 -10.80 -11.98
C LEU E 276 0.94 -12.24 -11.56
N LEU E 277 1.60 -13.22 -12.19
CA LEU E 277 1.41 -14.62 -11.80
C LEU E 277 1.96 -14.88 -10.40
N LEU E 278 3.12 -14.34 -10.08
CA LEU E 278 3.65 -14.47 -8.71
C LEU E 278 2.77 -13.73 -7.70
N GLY E 279 2.18 -12.58 -8.09
CA GLY E 279 1.30 -11.87 -7.19
C GLY E 279 0.02 -12.62 -6.87
N VAL E 280 -0.62 -13.20 -7.90
CA VAL E 280 -1.81 -13.98 -7.61
C VAL E 280 -1.46 -15.29 -6.90
N ALA E 281 -0.25 -15.83 -7.12
CA ALA E 281 0.16 -17.03 -6.39
C ALA E 281 0.38 -16.76 -4.91
N MET E 282 1.06 -15.65 -4.58
CA MET E 282 1.26 -15.31 -3.18
C MET E 282 -0.05 -14.92 -2.50
N SER E 283 -0.96 -14.25 -3.22
CA SER E 283 -2.28 -13.97 -2.68
C SER E 283 -3.08 -15.24 -2.39
N GLY E 284 -3.03 -16.21 -3.31
CA GLY E 284 -3.76 -17.45 -3.12
C GLY E 284 -3.20 -18.29 -1.98
N LEU E 285 -1.87 -18.35 -1.87
CA LEU E 285 -1.28 -19.18 -0.83
C LEU E 285 -1.51 -18.57 0.56
N THR E 286 -1.44 -17.24 0.68
CA THR E 286 -1.75 -16.68 1.99
C THR E 286 -3.24 -16.63 2.27
N ALA E 287 -4.09 -16.77 1.25
CA ALA E 287 -5.49 -17.03 1.54
C ALA E 287 -5.66 -18.41 2.15
N TYR E 288 -5.00 -19.41 1.54
CA TYR E 288 -5.21 -20.81 1.94
C TYR E 288 -4.62 -21.10 3.31
N LEU E 289 -3.41 -20.61 3.59
CA LEU E 289 -2.79 -20.91 4.89
C LEU E 289 -3.51 -20.20 6.02
N THR E 290 -4.08 -19.02 5.76
CA THR E 290 -4.84 -18.33 6.79
C THR E 290 -6.22 -18.93 7.00
N LEU E 291 -6.86 -19.44 5.94
CA LEU E 291 -8.16 -20.08 6.15
C LEU E 291 -8.02 -21.46 6.78
N ARG E 292 -6.85 -22.10 6.61
CA ARG E 292 -6.67 -23.44 7.17
C ARG E 292 -6.63 -23.43 8.69
N LEU E 293 -6.06 -22.38 9.30
CA LEU E 293 -5.87 -22.35 10.74
C LEU E 293 -6.76 -21.30 11.43
N TYR E 294 -7.91 -20.98 10.85
CA TYR E 294 -8.84 -20.07 11.50
C TYR E 294 -10.23 -20.64 11.67
N VAL E 295 -10.73 -21.39 10.69
CA VAL E 295 -12.06 -21.98 10.80
C VAL E 295 -11.97 -23.49 10.89
PB ADP F . -35.95 -6.85 22.73
O1B ADP F . -35.09 -7.73 21.87
O2B ADP F . -37.12 -7.56 23.36
O3B ADP F . -35.18 -5.96 23.67
PA ADP F . -37.53 -4.57 22.12
O1A ADP F . -36.67 -3.60 22.86
O2A ADP F . -38.83 -5.05 22.75
O3A ADP F . -36.64 -5.85 21.68
O5' ADP F . -37.84 -3.96 20.67
C5' ADP F . -37.52 -2.61 20.36
C4' ADP F . -37.16 -2.56 18.88
O4' ADP F . -37.00 -1.21 18.43
C3' ADP F . -35.85 -3.28 18.61
O3' ADP F . -36.09 -4.49 17.90
C2' ADP F . -35.03 -2.33 17.76
O2' ADP F . -34.63 -2.97 16.54
C1' ADP F . -35.95 -1.17 17.47
N9 ADP F . -35.25 0.13 17.51
C8 ADP F . -35.34 1.05 18.49
N7 ADP F . -34.58 2.14 18.22
C5 ADP F . -33.98 1.92 17.04
C6 ADP F . -33.05 2.66 16.17
N6 ADP F . -32.57 3.88 16.52
N1 ADP F . -32.67 2.08 15.01
C2 ADP F . -33.12 0.86 14.65
N3 ADP F . -33.97 0.13 15.39
C4 ADP F . -34.44 0.60 16.57
PB ADP G . -26.29 -22.65 28.50
O1B ADP G . -25.73 -22.14 27.20
O2B ADP G . -26.81 -21.57 29.42
O3B ADP G . -27.21 -23.84 28.36
PA ADP G . -24.27 -24.55 28.77
O1A ADP G . -23.83 -24.33 27.34
O2A ADP G . -25.14 -25.74 29.11
O3A ADP G . -25.01 -23.22 29.28
O5' ADP G . -22.94 -24.58 29.69
C5' ADP G . -21.75 -25.15 29.17
C4' ADP G . -20.63 -25.06 30.21
O4' ADP G . -19.43 -25.62 29.66
C3' ADP G . -20.33 -23.62 30.58
O3' ADP G . -20.66 -23.39 31.96
C2' ADP G . -18.84 -23.42 30.38
O2' ADP G . -18.21 -23.07 31.61
C1' ADP G . -18.31 -24.77 29.88
N9 ADP G . -17.59 -24.57 28.61
C8 ADP G . -18.15 -24.65 27.38
N7 ADP G . -17.24 -24.43 26.41
C5 ADP G . -16.06 -24.17 27.01
C6 ADP G . -14.69 -23.84 26.58
N6 ADP G . -14.37 -23.73 25.27
N1 ADP G . -13.75 -23.65 27.54
C2 ADP G . -14.04 -23.76 28.84
N3 ADP G . -15.27 -24.05 29.31
C4 ADP G . -16.31 -24.26 28.46
#